data_6EEI
#
_entry.id   6EEI
#
_cell.length_a   78.064
_cell.length_b   106.791
_cell.length_c   115.903
_cell.angle_alpha   90.000
_cell.angle_beta   90.000
_cell.angle_gamma   90.000
#
_symmetry.space_group_name_H-M   'P 21 21 21'
#
loop_
_entity.id
_entity.type
_entity.pdbx_description
1 polymer 'Tyrosine decarboxylase 1'
2 non-polymer 'SULFATE ION'
3 non-polymer PHENYLALANINE
4 water water
#
_entity_poly.entity_id   1
_entity_poly.type   'polypeptide(L)'
_entity_poly.pdbx_seq_one_letter_code
;MENGSGKVLKPMDSEQLREYGHLMVDFIADYYKTIEDFPVLSQVQPGYLHKLLPDSAPDHPETLDQVLDDVRAKILPGVT
HWQSPSFFAYYPSNSSVAGFLGEMLSAGLGIVGFSWVTSPAATELEMIVLDWVAKLLNLPEQFMSKGNGGGVIQGSASEA
VLVVLIAARDKVLRSVGKNALEKLVVYSSDQTHSALQKACQIAGIHPENCRVLTTDSSTNYALRPESLQEAVSRDLEAGL
IPFFLCANVGTTSSTAVDPLAALGKIANSNGIWFHVDAAYAGSACICPEYRQYIDGVETADSFNMNAH(LLP)WFLTNFD
CSLLWVKDQDSLTLALSTNPEFLKNKASQANLVVDYKDWQIPLGRRFRSLKLWMVLRLYGSETLKSYIRNHIKLAKEFEQ
LVSQDPNFEIVTPRIFALVCFRLVPVKDEEKKCNNRNRELLDAVNSSGKLFMSHTALSGKIVLRCAIGAPLTEEKHVKEA
WKIIQEEASYLLHK
;
_entity_poly.pdbx_strand_id   A,B
#
loop_
_chem_comp.id
_chem_comp.type
_chem_comp.name
_chem_comp.formula
SO4 non-polymer 'SULFATE ION' 'O4 S -2'
#
# COMPACT_ATOMS: atom_id res chain seq x y z
N VAL A 8 -31.34 2.24 10.78
CA VAL A 8 -30.73 2.16 9.45
C VAL A 8 -29.36 2.85 9.45
N LEU A 9 -28.36 2.18 8.89
CA LEU A 9 -26.99 2.67 8.95
C LEU A 9 -26.75 3.73 7.88
N LYS A 10 -26.17 4.86 8.29
CA LYS A 10 -25.89 5.96 7.38
C LYS A 10 -24.46 5.91 6.90
N PRO A 11 -24.17 6.52 5.75
CA PRO A 11 -22.77 6.63 5.32
C PRO A 11 -21.85 7.08 6.45
N MET A 12 -22.22 8.12 7.18
CA MET A 12 -21.46 8.49 8.36
C MET A 12 -22.42 9.04 9.41
N ASP A 13 -22.18 8.66 10.66
CA ASP A 13 -22.97 9.13 11.79
C ASP A 13 -22.23 8.77 13.07
N SER A 14 -21.87 9.78 13.87
CA SER A 14 -21.01 9.54 15.02
C SER A 14 -21.59 8.48 15.96
N GLU A 15 -22.91 8.52 16.20
CA GLU A 15 -23.50 7.62 17.17
C GLU A 15 -23.65 6.20 16.62
N GLN A 16 -24.04 6.08 15.35
CA GLN A 16 -24.03 4.77 14.72
C GLN A 16 -22.61 4.20 14.68
N LEU A 17 -21.62 5.06 14.41
CA LEU A 17 -20.25 4.58 14.43
C LEU A 17 -19.88 4.08 15.83
N ARG A 18 -20.31 4.78 16.88
CA ARG A 18 -20.02 4.34 18.24
C ARG A 18 -20.65 2.97 18.54
N GLU A 19 -21.95 2.84 18.26
CA GLU A 19 -22.66 1.60 18.57
C GLU A 19 -22.08 0.42 17.78
N TYR A 20 -22.01 0.56 16.45
CA TYR A 20 -21.51 -0.52 15.62
C TYR A 20 -20.04 -0.81 15.87
N GLY A 21 -19.24 0.20 16.24
CA GLY A 21 -17.84 -0.04 16.52
C GLY A 21 -17.65 -0.78 17.83
N HIS A 22 -18.48 -0.50 18.84
CA HIS A 22 -18.47 -1.32 20.04
C HIS A 22 -18.82 -2.77 19.72
N LEU A 23 -19.83 -2.97 18.88
CA LEU A 23 -20.17 -4.34 18.47
C LEU A 23 -18.97 -5.03 17.79
N MET A 24 -18.31 -4.32 16.87
CA MET A 24 -17.17 -4.92 16.17
C MET A 24 -15.99 -5.15 17.11
N VAL A 25 -15.81 -4.29 18.10
CA VAL A 25 -14.76 -4.49 19.09
C VAL A 25 -15.01 -5.78 19.86
N ASP A 26 -16.24 -5.97 20.33
CA ASP A 26 -16.57 -7.20 21.02
C ASP A 26 -16.36 -8.41 20.11
N PHE A 27 -16.72 -8.29 18.83
CA PHE A 27 -16.53 -9.41 17.92
C PHE A 27 -15.05 -9.79 17.78
N ILE A 28 -14.20 -8.79 17.58
CA ILE A 28 -12.77 -9.06 17.39
C ILE A 28 -12.15 -9.60 18.69
N ALA A 29 -12.54 -9.05 19.83
CA ALA A 29 -12.04 -9.56 21.10
C ALA A 29 -12.44 -11.01 21.30
N ASP A 30 -13.69 -11.36 20.97
CA ASP A 30 -14.12 -12.74 21.05
C ASP A 30 -13.31 -13.61 20.09
N TYR A 31 -12.97 -13.08 18.92
CA TYR A 31 -12.11 -13.82 17.99
C TYR A 31 -10.79 -14.16 18.65
N TYR A 32 -10.15 -13.17 19.26
CA TYR A 32 -8.85 -13.43 19.88
C TYR A 32 -8.99 -14.37 21.08
N LYS A 33 -10.09 -14.25 21.82
CA LYS A 33 -10.25 -15.05 23.03
C LYS A 33 -10.36 -16.54 22.71
N THR A 34 -10.87 -16.88 21.53
CA THR A 34 -11.08 -18.28 21.15
C THR A 34 -10.27 -18.67 19.93
N ILE A 35 -9.21 -17.91 19.61
CA ILE A 35 -8.47 -18.15 18.38
C ILE A 35 -7.91 -19.57 18.34
N GLU A 36 -7.64 -20.16 19.51
CA GLU A 36 -7.06 -21.50 19.53
C GLU A 36 -8.05 -22.56 19.08
N ASP A 37 -9.34 -22.23 19.01
CA ASP A 37 -10.35 -23.21 18.60
C ASP A 37 -10.38 -23.42 17.09
N PHE A 38 -9.58 -22.63 16.30
CA PHE A 38 -9.58 -22.80 14.86
C PHE A 38 -8.39 -23.64 14.41
N PRO A 39 -8.53 -24.38 13.31
CA PRO A 39 -7.35 -24.95 12.65
C PRO A 39 -6.48 -23.81 12.17
N VAL A 40 -5.20 -23.84 12.54
CA VAL A 40 -4.32 -22.72 12.18
C VAL A 40 -4.31 -22.51 10.68
N LEU A 41 -3.93 -23.55 9.93
CA LEU A 41 -3.96 -23.48 8.48
C LEU A 41 -5.36 -23.81 7.98
N SER A 42 -5.93 -22.93 7.15
CA SER A 42 -7.25 -23.17 6.59
C SER A 42 -7.29 -24.50 5.85
N GLN A 43 -8.41 -25.20 5.95
CA GLN A 43 -8.57 -26.50 5.33
C GLN A 43 -9.56 -26.49 4.17
N VAL A 44 -10.02 -25.31 3.74
CA VAL A 44 -11.01 -25.29 2.67
C VAL A 44 -10.34 -25.64 1.35
N GLN A 45 -11.10 -25.93 0.37
CA GLN A 45 -10.75 -26.21 -1.01
C GLN A 45 -10.81 -24.94 -1.85
N PRO A 46 -10.01 -24.86 -2.91
CA PRO A 46 -10.08 -23.67 -3.78
C PRO A 46 -11.46 -23.54 -4.40
N GLY A 47 -12.01 -22.33 -4.33
CA GLY A 47 -13.32 -22.06 -4.89
C GLY A 47 -14.48 -22.24 -3.92
N TYR A 48 -14.20 -22.60 -2.68
CA TYR A 48 -15.25 -22.91 -1.71
C TYR A 48 -16.19 -21.73 -1.47
N LEU A 49 -15.69 -20.51 -1.63
CA LEU A 49 -16.44 -19.35 -1.14
C LEU A 49 -17.51 -18.87 -2.12
N HIS A 50 -17.30 -19.07 -3.42
N HIS A 50 -17.32 -19.04 -3.43
CA HIS A 50 -18.23 -18.53 -4.41
CA HIS A 50 -18.29 -18.47 -4.36
C HIS A 50 -19.62 -19.17 -4.28
C HIS A 50 -19.63 -19.19 -4.30
N LYS A 51 -19.68 -20.39 -3.75
CA LYS A 51 -20.96 -21.05 -3.52
C LYS A 51 -21.67 -20.56 -2.26
N LEU A 52 -20.95 -19.95 -1.33
CA LEU A 52 -21.54 -19.53 -0.07
C LEU A 52 -22.11 -18.12 -0.11
N LEU A 53 -21.69 -17.29 -1.07
CA LEU A 53 -22.11 -15.91 -1.17
C LEU A 53 -22.89 -15.67 -2.46
N PRO A 54 -23.81 -14.71 -2.44
CA PRO A 54 -24.52 -14.34 -3.68
C PRO A 54 -23.54 -13.84 -4.73
N ASP A 55 -23.97 -13.88 -6.00
CA ASP A 55 -23.12 -13.44 -7.10
C ASP A 55 -23.37 -11.98 -7.45
N SER A 56 -24.18 -11.28 -6.65
CA SER A 56 -24.49 -9.88 -6.81
C SER A 56 -24.59 -9.24 -5.43
N ALA A 57 -24.23 -7.97 -5.36
CA ALA A 57 -24.47 -7.18 -4.16
C ALA A 57 -25.97 -6.99 -3.94
N PRO A 58 -26.40 -6.80 -2.70
CA PRO A 58 -27.83 -6.64 -2.43
C PRO A 58 -28.29 -5.23 -2.82
N ASP A 59 -29.57 -5.15 -3.20
CA ASP A 59 -30.15 -3.85 -3.52
C ASP A 59 -30.39 -3.05 -2.25
N HIS A 60 -30.86 -3.71 -1.20
CA HIS A 60 -31.16 -3.08 0.07
C HIS A 60 -30.20 -3.54 1.15
N PRO A 61 -30.04 -2.77 2.23
CA PRO A 61 -29.01 -3.09 3.21
C PRO A 61 -29.30 -4.39 3.95
N GLU A 62 -28.22 -5.01 4.40
CA GLU A 62 -28.28 -6.20 5.24
C GLU A 62 -27.72 -5.85 6.62
N THR A 63 -28.15 -6.61 7.62
CA THR A 63 -27.81 -6.30 9.00
C THR A 63 -26.33 -6.58 9.28
N LEU A 64 -25.84 -5.93 10.34
CA LEU A 64 -24.49 -6.24 10.82
C LEU A 64 -24.43 -7.62 11.46
N ASP A 65 -25.51 -8.05 12.12
CA ASP A 65 -25.54 -9.39 12.68
C ASP A 65 -25.39 -10.43 11.58
N GLN A 66 -26.03 -10.19 10.43
CA GLN A 66 -25.89 -11.13 9.34
C GLN A 66 -24.49 -11.13 8.78
N VAL A 67 -23.85 -9.95 8.71
CA VAL A 67 -22.47 -9.91 8.22
C VAL A 67 -21.56 -10.68 9.17
N LEU A 68 -21.71 -10.47 10.47
CA LEU A 68 -20.86 -11.17 11.43
C LEU A 68 -21.12 -12.68 11.41
N ASP A 69 -22.37 -13.08 11.23
CA ASP A 69 -22.61 -14.52 11.11
C ASP A 69 -21.95 -15.08 9.86
N ASP A 70 -22.02 -14.33 8.75
CA ASP A 70 -21.32 -14.78 7.56
C ASP A 70 -19.81 -14.82 7.78
N VAL A 71 -19.27 -13.89 8.55
CA VAL A 71 -17.84 -13.96 8.86
C VAL A 71 -17.53 -15.25 9.61
N ARG A 72 -18.33 -15.56 10.63
CA ARG A 72 -18.09 -16.78 11.40
C ARG A 72 -18.17 -18.01 10.51
N ALA A 73 -19.23 -18.10 9.70
CA ALA A 73 -19.58 -19.37 9.06
C ALA A 73 -18.99 -19.54 7.66
N LYS A 74 -18.65 -18.45 6.98
CA LYS A 74 -18.21 -18.48 5.59
C LYS A 74 -16.80 -17.97 5.41
N ILE A 75 -16.42 -16.89 6.10
CA ILE A 75 -15.09 -16.31 5.90
C ILE A 75 -14.07 -16.96 6.82
N LEU A 76 -14.39 -17.08 8.11
CA LEU A 76 -13.39 -17.60 9.05
C LEU A 76 -12.90 -19.00 8.69
N PRO A 77 -13.73 -19.96 8.26
CA PRO A 77 -13.17 -21.23 7.80
C PRO A 77 -12.10 -21.05 6.73
N GLY A 78 -12.18 -20.00 5.93
CA GLY A 78 -11.18 -19.77 4.90
C GLY A 78 -10.03 -18.86 5.33
N VAL A 79 -9.84 -18.69 6.63
CA VAL A 79 -8.78 -17.83 7.15
C VAL A 79 -7.66 -18.71 7.69
N THR A 80 -6.43 -18.37 7.34
CA THR A 80 -5.26 -18.92 7.99
C THR A 80 -4.86 -17.95 9.11
N HIS A 81 -4.87 -18.42 10.35
CA HIS A 81 -4.82 -17.56 11.51
C HIS A 81 -3.38 -17.17 11.83
N TRP A 82 -2.95 -16.04 11.24
CA TRP A 82 -1.60 -15.53 11.45
C TRP A 82 -1.32 -15.15 12.90
N GLN A 83 -2.36 -14.86 13.68
CA GLN A 83 -2.18 -14.46 15.09
C GLN A 83 -2.34 -15.63 16.04
N SER A 84 -2.60 -16.83 15.53
CA SER A 84 -2.68 -17.99 16.40
C SER A 84 -1.39 -18.16 17.18
N PRO A 85 -1.46 -18.56 18.45
CA PRO A 85 -0.22 -18.84 19.20
C PRO A 85 0.54 -20.04 18.68
N SER A 86 -0.04 -20.80 17.76
CA SER A 86 0.60 -21.95 17.14
C SER A 86 0.90 -21.71 15.66
N PHE A 87 0.89 -20.46 15.22
CA PHE A 87 1.31 -20.11 13.88
C PHE A 87 2.83 -19.96 13.91
N PHE A 88 3.54 -20.87 13.23
CA PHE A 88 4.99 -20.87 13.22
C PHE A 88 5.56 -20.78 11.81
N ALA A 89 4.77 -20.31 10.85
CA ALA A 89 5.13 -20.36 9.44
C ALA A 89 5.80 -19.07 8.98
N TYR A 90 6.47 -19.16 7.83
CA TYR A 90 7.11 -18.01 7.21
C TYR A 90 7.79 -17.11 8.23
N TYR A 91 7.35 -15.86 8.33
CA TYR A 91 7.76 -15.00 9.43
C TYR A 91 6.51 -14.39 10.05
N PRO A 92 6.57 -14.01 11.31
CA PRO A 92 5.40 -13.40 11.94
C PRO A 92 4.96 -12.13 11.22
N SER A 93 3.66 -11.85 11.33
CA SER A 93 3.06 -10.59 10.88
C SER A 93 2.27 -10.06 12.07
N ASN A 94 2.95 -9.36 12.98
CA ASN A 94 2.42 -9.12 14.30
C ASN A 94 1.15 -8.28 14.28
N SER A 95 0.24 -8.61 15.19
CA SER A 95 -0.88 -7.76 15.56
C SER A 95 -0.80 -7.53 17.06
N SER A 96 -0.83 -6.27 17.48
CA SER A 96 -0.81 -5.95 18.89
C SER A 96 -2.01 -5.09 19.27
N VAL A 97 -2.31 -5.04 20.56
CA VAL A 97 -3.35 -4.13 21.05
C VAL A 97 -3.02 -2.69 20.65
N ALA A 98 -1.79 -2.26 20.91
CA ALA A 98 -1.40 -0.90 20.55
C ALA A 98 -1.55 -0.67 19.05
N GLY A 99 -1.06 -1.61 18.23
CA GLY A 99 -1.15 -1.46 16.78
C GLY A 99 -2.59 -1.52 16.28
N PHE A 100 -3.42 -2.34 16.91
CA PHE A 100 -4.84 -2.38 16.57
C PHE A 100 -5.49 -1.03 16.87
N LEU A 101 -5.18 -0.44 18.03
CA LEU A 101 -5.72 0.88 18.34
C LEU A 101 -5.23 1.91 17.34
N GLY A 102 -3.96 1.80 16.93
CA GLY A 102 -3.43 2.72 15.93
C GLY A 102 -4.12 2.60 14.59
N GLU A 103 -4.36 1.37 14.13
CA GLU A 103 -5.11 1.18 12.89
C GLU A 103 -6.52 1.74 13.00
N MET A 104 -7.18 1.51 14.14
CA MET A 104 -8.50 2.10 14.36
C MET A 104 -8.46 3.60 14.18
N LEU A 105 -7.54 4.26 14.90
CA LEU A 105 -7.47 5.71 14.83
C LEU A 105 -7.16 6.19 13.42
N SER A 106 -6.24 5.50 12.74
CA SER A 106 -5.90 5.89 11.37
C SER A 106 -7.14 5.83 10.47
N ALA A 107 -7.91 4.74 10.55
CA ALA A 107 -9.12 4.63 9.74
C ALA A 107 -10.14 5.69 10.12
N GLY A 108 -10.27 5.98 11.41
CA GLY A 108 -11.25 6.96 11.84
C GLY A 108 -10.94 8.36 11.35
N LEU A 109 -9.67 8.76 11.46
CA LEU A 109 -9.28 10.07 10.95
C LEU A 109 -9.48 10.15 9.44
N GLY A 110 -9.17 9.07 8.73
CA GLY A 110 -9.48 9.00 7.30
C GLY A 110 -8.81 10.08 6.48
N ILE A 111 -7.56 10.38 6.77
CA ILE A 111 -6.82 11.37 5.99
C ILE A 111 -5.90 10.64 5.02
N VAL A 112 -5.54 11.32 3.94
CA VAL A 112 -4.60 10.81 2.96
C VAL A 112 -3.51 11.86 2.82
N GLY A 113 -2.32 11.55 3.33
CA GLY A 113 -1.28 12.53 3.46
C GLY A 113 -0.23 12.59 2.36
N PHE A 114 -0.65 12.76 1.12
CA PHE A 114 0.30 13.11 0.06
C PHE A 114 0.65 14.59 0.27
N SER A 115 1.92 14.86 0.58
CA SER A 115 2.40 16.22 0.81
C SER A 115 2.11 16.68 2.24
N TRP A 116 2.89 17.66 2.70
CA TRP A 116 2.81 18.14 4.08
C TRP A 116 1.45 18.76 4.40
N VAL A 117 0.87 19.51 3.46
CA VAL A 117 -0.32 20.30 3.76
C VAL A 117 -1.51 19.40 4.10
N THR A 118 -1.62 18.25 3.44
CA THR A 118 -2.80 17.41 3.61
C THR A 118 -2.73 16.61 4.91
N SER A 119 -2.13 17.22 5.95
CA SER A 119 -2.06 16.77 7.35
C SER A 119 -0.61 16.82 7.83
N PRO A 120 -0.11 18.01 8.18
CA PRO A 120 1.29 18.11 8.62
C PRO A 120 1.68 17.08 9.66
N ALA A 121 0.78 16.80 10.61
CA ALA A 121 1.10 15.82 11.65
C ALA A 121 1.39 14.45 11.03
N ALA A 122 0.70 14.10 9.95
CA ALA A 122 0.89 12.79 9.34
C ALA A 122 2.31 12.63 8.79
N THR A 123 2.93 13.72 8.38
CA THR A 123 4.31 13.72 7.90
C THR A 123 5.32 13.86 9.04
N GLU A 124 5.06 14.78 9.97
CA GLU A 124 6.05 15.07 11.00
C GLU A 124 6.12 13.94 12.04
N LEU A 125 4.98 13.35 12.39
CA LEU A 125 5.02 12.21 13.30
C LEU A 125 5.79 11.05 12.68
N GLU A 126 5.64 10.86 11.37
CA GLU A 126 6.38 9.79 10.70
C GLU A 126 7.89 10.07 10.75
N MET A 127 8.29 11.31 10.42
CA MET A 127 9.69 11.67 10.54
C MET A 127 10.21 11.38 11.95
N ILE A 128 9.45 11.80 12.96
CA ILE A 128 9.87 11.68 14.35
C ILE A 128 10.01 10.22 14.76
N VAL A 129 9.04 9.37 14.40
CA VAL A 129 9.09 8.00 14.89
C VAL A 129 10.11 7.18 14.12
N LEU A 130 10.34 7.49 12.85
CA LEU A 130 11.47 6.88 12.16
C LEU A 130 12.78 7.26 12.84
N ASP A 131 12.89 8.52 13.30
CA ASP A 131 14.05 8.89 14.11
C ASP A 131 14.13 8.08 15.40
N TRP A 132 13.00 7.91 16.09
CA TRP A 132 12.96 7.11 17.30
C TRP A 132 13.50 5.71 17.05
N VAL A 133 12.98 5.04 16.03
CA VAL A 133 13.39 3.67 15.77
C VAL A 133 14.85 3.62 15.34
N ALA A 134 15.30 4.59 14.54
CA ALA A 134 16.72 4.65 14.20
C ALA A 134 17.58 4.74 15.45
N LYS A 135 17.13 5.51 16.44
CA LYS A 135 17.89 5.60 17.68
C LYS A 135 17.84 4.30 18.46
N LEU A 136 16.69 3.62 18.50
CA LEU A 136 16.64 2.31 19.15
C LEU A 136 17.58 1.33 18.46
N LEU A 137 17.68 1.42 17.13
CA LEU A 137 18.58 0.58 16.35
C LEU A 137 20.02 1.03 16.37
N ASN A 138 20.32 2.16 17.02
CA ASN A 138 21.67 2.75 16.98
C ASN A 138 22.17 2.88 15.54
N LEU A 139 21.30 3.33 14.65
CA LEU A 139 21.71 3.58 13.29
C LEU A 139 22.68 4.76 13.25
N PRO A 140 23.62 4.77 12.30
CA PRO A 140 24.51 5.93 12.17
C PRO A 140 23.75 7.20 11.79
N GLU A 141 24.41 8.33 12.00
CA GLU A 141 23.75 9.63 11.92
C GLU A 141 23.20 9.93 10.53
N GLN A 142 23.81 9.35 9.49
N GLN A 142 23.81 9.37 9.48
CA GLN A 142 23.39 9.63 8.12
CA GLN A 142 23.35 9.68 8.12
C GLN A 142 21.93 9.24 7.87
C GLN A 142 21.90 9.30 7.90
N PHE A 143 21.33 8.42 8.72
CA PHE A 143 19.95 7.98 8.52
C PHE A 143 18.93 8.79 9.30
N MET A 144 19.38 9.80 10.06
CA MET A 144 18.48 10.66 10.82
C MET A 144 17.94 11.80 9.95
N SER A 145 16.71 12.22 10.23
CA SER A 145 16.03 13.20 9.39
C SER A 145 16.73 14.55 9.38
N LYS A 146 17.52 14.87 10.40
CA LYS A 146 18.14 16.19 10.46
C LYS A 146 19.27 16.38 9.45
N GLY A 147 19.78 15.31 8.85
CA GLY A 147 20.85 15.40 7.88
C GLY A 147 20.35 15.36 6.46
N ASN A 148 21.18 14.83 5.56
CA ASN A 148 20.77 14.68 4.17
C ASN A 148 19.87 13.48 3.94
N GLY A 149 19.83 12.52 4.86
CA GLY A 149 19.01 11.34 4.74
C GLY A 149 17.68 11.45 5.45
N GLY A 150 17.10 10.29 5.76
CA GLY A 150 15.84 10.28 6.47
C GLY A 150 15.17 8.91 6.40
N GLY A 151 13.98 8.87 6.99
CA GLY A 151 13.20 7.65 7.03
C GLY A 151 11.79 7.87 6.49
N VAL A 152 11.20 6.77 6.04
CA VAL A 152 9.85 6.77 5.47
C VAL A 152 9.21 5.41 5.72
N ILE A 153 7.89 5.42 5.89
CA ILE A 153 7.10 4.20 5.98
C ILE A 153 6.66 3.81 4.58
N GLN A 154 7.02 2.59 4.16
CA GLN A 154 6.60 1.97 2.92
C GLN A 154 5.57 0.88 3.20
N GLY A 155 4.84 0.52 2.14
CA GLY A 155 3.82 -0.50 2.27
C GLY A 155 4.37 -1.89 2.44
N SER A 156 5.64 -2.12 2.11
CA SER A 156 6.22 -3.45 2.19
C SER A 156 7.69 -3.35 1.83
N ALA A 157 8.45 -4.38 2.23
CA ALA A 157 9.86 -4.43 1.87
C ALA A 157 10.07 -4.55 0.37
N SER A 158 9.14 -5.22 -0.33
CA SER A 158 9.17 -5.26 -1.79
C SER A 158 9.14 -3.85 -2.40
N GLU A 159 8.24 -3.00 -1.92
N GLU A 159 8.23 -3.00 -1.92
CA GLU A 159 8.20 -1.64 -2.43
CA GLU A 159 8.22 -1.63 -2.44
C GLU A 159 9.42 -0.85 -2.00
C GLU A 159 9.46 -0.87 -2.01
N ALA A 160 9.95 -1.11 -0.79
CA ALA A 160 11.14 -0.40 -0.32
C ALA A 160 12.34 -0.68 -1.22
N VAL A 161 12.55 -1.97 -1.55
CA VAL A 161 13.67 -2.30 -2.41
C VAL A 161 13.45 -1.77 -3.82
N LEU A 162 12.21 -1.83 -4.33
CA LEU A 162 11.96 -1.21 -5.64
C LEU A 162 12.32 0.27 -5.63
N VAL A 163 11.95 0.99 -4.57
CA VAL A 163 12.16 2.44 -4.54
C VAL A 163 13.65 2.75 -4.58
N VAL A 164 14.44 2.06 -3.75
CA VAL A 164 15.86 2.40 -3.76
C VAL A 164 16.54 1.89 -5.03
N LEU A 165 16.06 0.78 -5.61
CA LEU A 165 16.63 0.32 -6.88
C LEU A 165 16.40 1.34 -7.99
N ILE A 166 15.18 1.89 -8.08
CA ILE A 166 14.92 2.96 -9.04
C ILE A 166 15.78 4.18 -8.77
N ALA A 167 15.92 4.57 -7.50
CA ALA A 167 16.74 5.73 -7.18
C ALA A 167 18.17 5.52 -7.66
N ALA A 168 18.72 4.32 -7.41
CA ALA A 168 20.08 4.00 -7.84
C ALA A 168 20.20 3.97 -9.36
N ARG A 169 19.25 3.30 -10.03
CA ARG A 169 19.26 3.24 -11.48
C ARG A 169 19.27 4.64 -12.07
N ASP A 170 18.39 5.52 -11.58
CA ASP A 170 18.26 6.85 -12.15
C ASP A 170 19.47 7.72 -11.84
N LYS A 171 20.06 7.59 -10.66
CA LYS A 171 21.31 8.28 -10.37
C LYS A 171 22.36 7.94 -11.43
N VAL A 172 22.43 6.68 -11.84
CA VAL A 172 23.39 6.30 -12.88
C VAL A 172 22.96 6.83 -14.26
N LEU A 173 21.68 6.64 -14.59
CA LEU A 173 21.22 6.89 -15.96
C LEU A 173 21.19 8.38 -16.30
N ARG A 174 20.83 9.24 -15.35
CA ARG A 174 20.82 10.65 -15.74
C ARG A 174 22.22 11.22 -15.86
N SER A 175 23.26 10.49 -15.45
CA SER A 175 24.61 10.93 -15.75
C SER A 175 25.13 10.32 -17.05
N VAL A 176 24.79 9.07 -17.35
CA VAL A 176 25.32 8.41 -18.54
C VAL A 176 24.31 8.26 -19.68
N GLY A 177 23.03 8.46 -19.43
CA GLY A 177 22.03 8.33 -20.48
C GLY A 177 21.24 7.02 -20.37
N LYS A 178 19.98 7.07 -20.82
CA LYS A 178 19.10 5.92 -20.64
C LYS A 178 19.53 4.72 -21.49
N ASN A 179 20.19 4.94 -22.62
CA ASN A 179 20.66 3.81 -23.42
C ASN A 179 21.63 2.90 -22.66
N ALA A 180 22.11 3.32 -21.48
CA ALA A 180 22.98 2.48 -20.67
C ALA A 180 22.21 1.48 -19.81
N LEU A 181 20.88 1.45 -19.89
CA LEU A 181 20.13 0.50 -19.07
C LEU A 181 20.64 -0.92 -19.25
N GLU A 182 20.94 -1.31 -20.50
CA GLU A 182 21.37 -2.68 -20.78
C GLU A 182 22.69 -3.03 -20.12
N LYS A 183 23.40 -2.08 -19.50
CA LYS A 183 24.68 -2.39 -18.89
C LYS A 183 24.66 -2.41 -17.37
N LEU A 184 23.55 -2.00 -16.75
CA LEU A 184 23.46 -1.93 -15.29
C LEU A 184 23.33 -3.32 -14.67
N VAL A 185 24.16 -3.61 -13.67
CA VAL A 185 24.22 -4.92 -13.03
C VAL A 185 23.80 -4.80 -11.57
N VAL A 186 22.96 -5.73 -11.13
CA VAL A 186 22.50 -5.84 -9.74
C VAL A 186 23.16 -7.08 -9.15
N TYR A 187 23.58 -6.98 -7.88
CA TYR A 187 24.25 -8.09 -7.19
C TYR A 187 23.50 -8.49 -5.94
N SER A 188 23.41 -9.79 -5.69
CA SER A 188 22.86 -10.25 -4.42
C SER A 188 23.19 -11.73 -4.29
N SER A 189 23.09 -12.25 -3.07
CA SER A 189 23.33 -13.66 -2.86
C SER A 189 22.10 -14.48 -3.26
N ASP A 190 22.29 -15.80 -3.38
CA ASP A 190 21.18 -16.67 -3.75
C ASP A 190 20.22 -16.93 -2.61
N GLN A 191 20.43 -16.28 -1.47
CA GLN A 191 19.49 -16.28 -0.35
C GLN A 191 18.60 -15.05 -0.33
N THR A 192 18.76 -14.15 -1.28
CA THR A 192 18.03 -12.88 -1.26
C THR A 192 16.57 -13.09 -1.63
N HIS A 193 15.70 -12.39 -0.91
CA HIS A 193 14.27 -12.49 -1.14
C HIS A 193 13.93 -12.20 -2.60
N SER A 194 12.84 -12.81 -3.08
CA SER A 194 12.42 -12.64 -4.48
C SER A 194 12.01 -11.20 -4.81
N ALA A 195 11.75 -10.38 -3.79
CA ALA A 195 11.41 -8.98 -4.04
C ALA A 195 12.48 -8.31 -4.88
N LEU A 196 13.75 -8.70 -4.72
CA LEU A 196 14.79 -8.06 -5.51
C LEU A 196 14.64 -8.39 -6.98
N GLN A 197 14.43 -9.67 -7.29
CA GLN A 197 14.25 -10.06 -8.68
C GLN A 197 13.05 -9.35 -9.29
N LYS A 198 11.96 -9.26 -8.54
CA LYS A 198 10.76 -8.60 -9.05
C LYS A 198 11.01 -7.10 -9.28
N ALA A 199 11.76 -6.46 -8.38
CA ALA A 199 12.09 -5.05 -8.58
C ALA A 199 12.95 -4.86 -9.82
N CYS A 200 13.92 -5.75 -10.02
CA CYS A 200 14.75 -5.73 -11.22
C CYS A 200 13.90 -5.86 -12.48
N GLN A 201 12.93 -6.77 -12.47
CA GLN A 201 12.03 -6.92 -13.62
C GLN A 201 11.26 -5.63 -13.88
N ILE A 202 10.68 -5.04 -12.84
CA ILE A 202 9.89 -3.83 -12.99
C ILE A 202 10.76 -2.67 -13.49
N ALA A 203 11.99 -2.58 -13.01
CA ALA A 203 12.86 -1.47 -13.32
C ALA A 203 13.51 -1.59 -14.69
N GLY A 204 13.32 -2.69 -15.40
CA GLY A 204 13.88 -2.86 -16.72
C GLY A 204 15.30 -3.38 -16.79
N ILE A 205 15.87 -3.79 -15.65
CA ILE A 205 17.18 -4.43 -15.66
C ILE A 205 17.13 -5.69 -16.51
N HIS A 206 18.16 -5.91 -17.31
CA HIS A 206 18.19 -7.10 -18.16
C HIS A 206 18.42 -8.34 -17.31
N PRO A 207 17.74 -9.45 -17.61
CA PRO A 207 17.88 -10.65 -16.77
C PRO A 207 19.30 -11.13 -16.62
N GLU A 208 20.08 -11.14 -17.72
CA GLU A 208 21.45 -11.62 -17.60
C GLU A 208 22.29 -10.72 -16.72
N ASN A 209 21.77 -9.58 -16.27
CA ASN A 209 22.50 -8.67 -15.40
C ASN A 209 21.99 -8.72 -13.96
N CYS A 210 21.33 -9.81 -13.57
CA CYS A 210 21.00 -10.07 -12.17
C CYS A 210 21.99 -11.12 -11.68
N ARG A 211 23.03 -10.67 -10.99
CA ARG A 211 24.07 -11.54 -10.47
C ARG A 211 23.58 -12.14 -9.15
N VAL A 212 23.15 -13.39 -9.22
CA VAL A 212 22.83 -14.19 -8.05
C VAL A 212 24.09 -14.96 -7.69
N LEU A 213 24.77 -14.50 -6.65
CA LEU A 213 26.01 -15.09 -6.19
C LEU A 213 25.72 -16.26 -5.26
N THR A 214 26.41 -17.37 -5.49
CA THR A 214 26.14 -18.59 -4.77
C THR A 214 26.71 -18.53 -3.35
N THR A 215 26.00 -19.15 -2.42
CA THR A 215 26.47 -19.35 -1.06
C THR A 215 26.25 -20.81 -0.68
N ASP A 216 26.99 -21.27 0.32
CA ASP A 216 26.86 -22.64 0.80
C ASP A 216 27.05 -22.65 2.30
N SER A 217 27.10 -23.86 2.88
CA SER A 217 27.15 -24.02 4.33
C SER A 217 28.48 -23.56 4.93
N SER A 218 29.54 -23.45 4.14
CA SER A 218 30.84 -23.07 4.70
C SER A 218 30.78 -21.67 5.34
N THR A 219 29.87 -20.81 4.86
CA THR A 219 29.64 -19.50 5.44
C THR A 219 28.25 -19.37 6.07
N ASN A 220 27.58 -20.49 6.34
CA ASN A 220 26.20 -20.46 6.84
C ASN A 220 25.31 -19.66 5.91
N TYR A 221 25.55 -19.81 4.61
CA TYR A 221 24.79 -19.17 3.55
C TYR A 221 24.90 -17.66 3.57
N ALA A 222 25.95 -17.14 4.20
CA ALA A 222 26.28 -15.73 4.10
C ALA A 222 27.11 -15.49 2.85
N LEU A 223 26.86 -14.37 2.20
CA LEU A 223 27.57 -14.04 0.97
C LEU A 223 29.04 -13.80 1.27
N ARG A 224 29.90 -14.40 0.46
CA ARG A 224 31.33 -14.23 0.62
C ARG A 224 31.79 -12.96 -0.08
N PRO A 225 32.39 -12.00 0.63
CA PRO A 225 32.78 -10.73 -0.03
C PRO A 225 33.67 -10.93 -1.25
N GLU A 226 34.55 -11.93 -1.22
CA GLU A 226 35.46 -12.16 -2.34
C GLU A 226 34.71 -12.49 -3.62
N SER A 227 33.58 -13.20 -3.52
CA SER A 227 32.80 -13.50 -4.73
C SER A 227 32.15 -12.25 -5.29
N LEU A 228 31.71 -11.34 -4.42
CA LEU A 228 31.23 -10.06 -4.92
C LEU A 228 32.35 -9.32 -5.63
N GLN A 229 33.55 -9.26 -5.03
CA GLN A 229 34.65 -8.54 -5.66
C GLN A 229 34.98 -9.14 -7.03
N GLU A 230 35.06 -10.47 -7.11
CA GLU A 230 35.35 -11.12 -8.39
C GLU A 230 34.28 -10.79 -9.42
N ALA A 231 33.01 -10.90 -9.05
CA ALA A 231 31.94 -10.60 -10.00
C ALA A 231 32.01 -9.15 -10.46
N VAL A 232 32.27 -8.23 -9.53
CA VAL A 232 32.31 -6.81 -9.90
C VAL A 232 33.45 -6.54 -10.85
N SER A 233 34.62 -7.14 -10.58
CA SER A 233 35.78 -6.92 -11.46
C SER A 233 35.55 -7.52 -12.84
N ARG A 234 34.95 -8.71 -12.90
CA ARG A 234 34.66 -9.29 -14.20
C ARG A 234 33.64 -8.45 -14.96
N ASP A 235 32.69 -7.84 -14.27
CA ASP A 235 31.71 -6.99 -14.96
C ASP A 235 32.34 -5.69 -15.44
N LEU A 236 33.17 -5.06 -14.60
CA LEU A 236 33.89 -3.86 -15.04
C LEU A 236 34.75 -4.15 -16.25
N GLU A 237 35.48 -5.27 -16.25
CA GLU A 237 36.29 -5.61 -17.42
C GLU A 237 35.43 -5.78 -18.66
N ALA A 238 34.19 -6.22 -18.50
CA ALA A 238 33.29 -6.48 -19.62
C ALA A 238 32.51 -5.24 -20.06
N GLY A 239 32.87 -4.06 -19.57
CA GLY A 239 32.17 -2.85 -19.96
C GLY A 239 30.82 -2.64 -19.31
N LEU A 240 30.49 -3.43 -18.30
CA LEU A 240 29.20 -3.32 -17.60
C LEU A 240 29.30 -2.35 -16.43
N ILE A 241 28.15 -1.89 -15.97
CA ILE A 241 28.08 -0.90 -14.89
C ILE A 241 27.47 -1.52 -13.63
N PRO A 242 28.29 -1.96 -12.68
CA PRO A 242 27.73 -2.40 -11.40
C PRO A 242 27.03 -1.23 -10.74
N PHE A 243 25.80 -1.45 -10.25
CA PHE A 243 25.16 -0.28 -9.65
C PHE A 243 24.34 -0.54 -8.40
N PHE A 244 24.01 -1.79 -8.06
CA PHE A 244 23.15 -2.04 -6.90
C PHE A 244 23.53 -3.35 -6.24
N LEU A 245 23.61 -3.34 -4.92
CA LEU A 245 23.94 -4.52 -4.13
C LEU A 245 22.94 -4.62 -2.98
N CYS A 246 22.42 -5.82 -2.78
CA CYS A 246 21.49 -6.11 -1.70
C CYS A 246 22.12 -7.13 -0.76
N ALA A 247 22.38 -6.74 0.48
CA ALA A 247 22.83 -7.65 1.50
C ALA A 247 21.67 -7.95 2.45
N ASN A 248 21.63 -9.19 2.94
CA ASN A 248 20.56 -9.66 3.80
C ASN A 248 21.04 -9.75 5.22
N VAL A 249 20.23 -9.28 6.16
CA VAL A 249 20.46 -9.55 7.57
C VAL A 249 19.24 -10.32 8.04
N GLY A 250 19.33 -11.66 7.98
CA GLY A 250 18.19 -12.51 8.29
C GLY A 250 17.40 -12.93 7.06
N THR A 251 17.97 -13.83 6.25
CA THR A 251 17.30 -14.30 5.05
C THR A 251 16.02 -15.07 5.41
N THR A 252 15.12 -15.14 4.43
CA THR A 252 13.85 -15.78 4.67
C THR A 252 14.02 -17.29 4.91
N SER A 253 14.97 -17.93 4.22
CA SER A 253 15.17 -19.37 4.36
C SER A 253 15.72 -19.75 5.73
N SER A 254 16.96 -19.34 6.02
CA SER A 254 17.68 -19.87 7.17
C SER A 254 18.24 -18.76 8.05
N THR A 255 17.69 -17.55 7.94
CA THR A 255 18.11 -16.42 8.75
C THR A 255 19.63 -16.23 8.73
N ALA A 256 20.22 -16.39 7.55
CA ALA A 256 21.64 -16.10 7.38
C ALA A 256 21.85 -14.60 7.43
N VAL A 257 23.06 -14.19 7.79
CA VAL A 257 23.41 -12.78 7.94
C VAL A 257 24.68 -12.49 7.14
N ASP A 258 24.60 -11.51 6.25
CA ASP A 258 25.73 -11.18 5.39
C ASP A 258 26.70 -10.25 6.11
N PRO A 259 27.98 -10.29 5.75
CA PRO A 259 28.97 -9.40 6.38
C PRO A 259 28.89 -7.99 5.84
N LEU A 260 28.18 -7.10 6.53
CA LEU A 260 27.90 -5.79 5.94
C LEU A 260 29.18 -4.98 5.73
N ALA A 261 30.17 -5.13 6.62
CA ALA A 261 31.36 -4.30 6.53
C ALA A 261 32.12 -4.50 5.22
N ALA A 262 32.47 -5.74 4.90
CA ALA A 262 33.29 -5.99 3.72
C ALA A 262 32.51 -5.76 2.43
N LEU A 263 31.25 -6.20 2.40
CA LEU A 263 30.40 -5.94 1.24
C LEU A 263 30.26 -4.44 1.00
N GLY A 264 30.02 -3.68 2.07
CA GLY A 264 29.85 -2.24 1.92
C GLY A 264 31.12 -1.54 1.50
N LYS A 265 32.27 -2.02 1.98
N LYS A 265 32.27 -2.01 1.99
CA LYS A 265 33.54 -1.46 1.51
CA LYS A 265 33.55 -1.48 1.52
C LYS A 265 33.66 -1.62 0.00
C LYS A 265 33.64 -1.63 0.00
N ILE A 266 33.36 -2.83 -0.50
CA ILE A 266 33.35 -3.06 -1.94
C ILE A 266 32.36 -2.13 -2.65
N ALA A 267 31.12 -2.08 -2.16
CA ALA A 267 30.10 -1.28 -2.82
C ALA A 267 30.49 0.19 -2.87
N ASN A 268 30.94 0.73 -1.73
CA ASN A 268 31.40 2.12 -1.67
C ASN A 268 32.52 2.37 -2.65
N SER A 269 33.50 1.46 -2.69
CA SER A 269 34.64 1.66 -3.56
C SER A 269 34.24 1.66 -5.04
N ASN A 270 33.14 1.00 -5.39
CA ASN A 270 32.80 0.91 -6.82
C ASN A 270 31.54 1.68 -7.19
N GLY A 271 31.08 2.59 -6.33
CA GLY A 271 29.86 3.34 -6.65
C GLY A 271 28.61 2.49 -6.74
N ILE A 272 28.55 1.42 -5.98
CA ILE A 272 27.41 0.51 -5.98
C ILE A 272 26.50 0.94 -4.84
N TRP A 273 25.24 1.25 -5.15
CA TRP A 273 24.27 1.53 -4.10
C TRP A 273 24.14 0.33 -3.19
N PHE A 274 24.35 0.54 -1.89
CA PHE A 274 24.33 -0.53 -0.90
C PHE A 274 23.02 -0.51 -0.11
N HIS A 275 22.18 -1.52 -0.34
CA HIS A 275 20.93 -1.68 0.38
C HIS A 275 21.02 -2.87 1.32
N VAL A 276 20.59 -2.66 2.58
CA VAL A 276 20.56 -3.71 3.59
C VAL A 276 19.10 -4.07 3.85
N ASP A 277 18.75 -5.32 3.59
CA ASP A 277 17.42 -5.87 3.84
C ASP A 277 17.47 -6.63 5.17
N ALA A 278 16.96 -5.99 6.22
CA ALA A 278 16.82 -6.60 7.53
C ALA A 278 15.36 -6.69 7.90
N ALA A 279 14.54 -7.03 6.89
CA ALA A 279 13.09 -6.97 7.04
C ALA A 279 12.63 -7.64 8.32
N TYR A 280 13.10 -8.87 8.57
CA TYR A 280 12.67 -9.61 9.75
C TYR A 280 13.56 -9.34 10.97
N ALA A 281 14.86 -9.62 10.86
CA ALA A 281 15.72 -9.64 12.05
C ALA A 281 16.05 -8.24 12.56
N GLY A 282 15.84 -7.20 11.75
CA GLY A 282 16.16 -5.85 12.20
C GLY A 282 15.56 -5.49 13.54
N SER A 283 14.33 -5.94 13.80
CA SER A 283 13.69 -5.67 15.09
C SER A 283 14.59 -6.10 16.24
N ALA A 284 15.14 -7.32 16.17
CA ALA A 284 15.99 -7.80 17.24
C ALA A 284 17.15 -6.85 17.52
N CYS A 285 17.56 -6.08 16.52
CA CYS A 285 18.73 -5.25 16.72
C CYS A 285 18.47 -4.07 17.65
N ILE A 286 17.27 -3.94 18.22
CA ILE A 286 17.10 -3.00 19.32
C ILE A 286 17.71 -3.53 20.60
N CYS A 287 18.03 -4.82 20.66
CA CYS A 287 18.72 -5.42 21.80
C CYS A 287 20.23 -5.36 21.60
N PRO A 288 20.99 -4.89 22.57
CA PRO A 288 22.45 -4.76 22.36
C PRO A 288 23.15 -6.05 21.98
N GLU A 289 22.69 -7.20 22.48
CA GLU A 289 23.33 -8.47 22.15
C GLU A 289 23.08 -8.91 20.71
N TYR A 290 22.24 -8.21 19.95
CA TYR A 290 22.03 -8.49 18.54
C TYR A 290 22.37 -7.30 17.63
N ARG A 291 22.56 -6.11 18.19
CA ARG A 291 22.95 -4.97 17.37
C ARG A 291 24.18 -5.27 16.52
N GLN A 292 25.08 -6.11 17.04
CA GLN A 292 26.27 -6.51 16.30
C GLN A 292 25.97 -6.90 14.86
N TYR A 293 24.78 -7.44 14.62
CA TYR A 293 24.50 -8.05 13.32
C TYR A 293 24.21 -7.04 12.23
N ILE A 294 24.05 -5.76 12.55
CA ILE A 294 23.98 -4.76 11.49
C ILE A 294 25.20 -3.85 11.51
N ASP A 295 26.27 -4.28 12.18
CA ASP A 295 27.54 -3.58 12.03
C ASP A 295 27.92 -3.51 10.56
N GLY A 296 28.41 -2.34 10.14
CA GLY A 296 28.69 -2.06 8.75
C GLY A 296 27.60 -1.29 8.03
N VAL A 297 26.42 -1.16 8.63
CA VAL A 297 25.33 -0.41 8.00
C VAL A 297 25.73 1.03 7.72
N GLU A 298 26.72 1.56 8.45
CA GLU A 298 27.22 2.90 8.19
C GLU A 298 27.68 3.07 6.75
N THR A 299 27.98 1.97 6.04
CA THR A 299 28.34 2.01 4.62
C THR A 299 27.14 1.91 3.70
N ALA A 300 25.95 1.63 4.23
CA ALA A 300 24.77 1.43 3.40
C ALA A 300 24.19 2.75 2.93
N ASP A 301 23.71 2.76 1.69
CA ASP A 301 22.89 3.84 1.18
C ASP A 301 21.45 3.70 1.65
N SER A 302 21.01 2.48 1.98
CA SER A 302 19.66 2.33 2.49
C SER A 302 19.57 1.10 3.38
N PHE A 303 18.56 1.09 4.25
CA PHE A 303 18.38 0.07 5.26
C PHE A 303 16.88 -0.10 5.50
N ASN A 304 16.43 -1.36 5.59
CA ASN A 304 14.98 -1.61 5.61
C ASN A 304 14.64 -2.65 6.66
N MET A 305 13.68 -2.33 7.53
CA MET A 305 13.20 -3.23 8.56
C MET A 305 11.67 -3.22 8.59
N ASN A 306 11.05 -4.39 8.68
CA ASN A 306 9.58 -4.47 8.67
C ASN A 306 9.06 -4.41 10.10
N ALA A 307 8.50 -3.26 10.49
CA ALA A 307 7.85 -3.17 11.79
C ALA A 307 6.62 -4.05 11.88
N HIS A 308 6.00 -4.39 10.75
CA HIS A 308 4.80 -5.22 10.77
C HIS A 308 5.15 -6.70 10.76
N1 LLP A 309 12.87 -9.48 2.54
C2 LLP A 309 12.98 -10.18 3.68
C2' LLP A 309 14.39 -10.57 4.23
C3 LLP A 309 11.81 -10.56 4.38
O3 LLP A 309 11.94 -11.29 5.57
C4 LLP A 309 10.54 -10.22 3.90
C4' LLP A 309 9.21 -10.65 4.72
C5 LLP A 309 10.44 -9.50 2.74
C6 LLP A 309 11.59 -9.13 2.04
C5' LLP A 309 9.03 -9.10 2.16
OP4 LLP A 309 8.25 -8.35 3.09
P LLP A 309 6.96 -7.63 2.62
OP1 LLP A 309 6.80 -6.34 3.43
OP2 LLP A 309 7.02 -7.35 1.18
OP3 LLP A 309 5.80 -8.49 2.92
N LLP A 309 6.43 -7.01 10.91
CA LLP A 309 6.83 -8.41 11.08
CB LLP A 309 8.12 -8.74 10.35
CG LLP A 309 7.80 -9.14 8.90
CD LLP A 309 8.90 -10.08 8.38
CE LLP A 309 8.50 -10.67 7.01
NZ LLP A 309 9.12 -9.89 5.93
C LLP A 309 6.98 -8.67 12.54
O LLP A 309 6.04 -9.11 13.18
N TRP A 310 8.14 -8.34 13.08
CA TRP A 310 8.49 -8.72 14.45
C TRP A 310 8.54 -7.53 15.42
N PHE A 311 7.87 -6.42 15.09
CA PHE A 311 7.92 -5.23 15.92
C PHE A 311 6.53 -4.80 16.38
N LEU A 312 5.58 -5.73 16.43
CA LEU A 312 4.26 -5.53 17.05
C LEU A 312 3.43 -4.46 16.36
N THR A 313 3.77 -4.07 15.13
CA THR A 313 3.09 -2.98 14.43
C THR A 313 2.29 -3.56 13.25
N ASN A 314 0.97 -3.63 13.42
CA ASN A 314 0.08 -4.25 12.43
C ASN A 314 0.40 -3.80 11.01
N PHE A 315 0.35 -4.76 10.09
CA PHE A 315 0.54 -4.48 8.66
C PHE A 315 -0.40 -3.37 8.23
N ASP A 316 0.11 -2.40 7.46
CA ASP A 316 1.44 -2.39 6.86
C ASP A 316 2.34 -1.34 7.48
N CYS A 317 3.63 -1.65 7.63
CA CYS A 317 4.54 -0.67 8.21
C CYS A 317 6.00 -1.09 7.99
N SER A 318 6.49 -0.94 6.76
CA SER A 318 7.88 -1.24 6.46
C SER A 318 8.68 0.05 6.60
N LEU A 319 9.79 0.00 7.33
CA LEU A 319 10.58 1.20 7.63
C LEU A 319 11.81 1.23 6.74
N LEU A 320 11.99 2.32 5.98
CA LEU A 320 13.11 2.49 5.08
C LEU A 320 13.88 3.74 5.46
N TRP A 321 15.18 3.60 5.70
CA TRP A 321 16.07 4.73 5.90
C TRP A 321 17.02 4.82 4.72
N VAL A 322 17.31 6.06 4.30
CA VAL A 322 18.27 6.34 3.25
C VAL A 322 19.22 7.40 3.75
N LYS A 323 20.43 7.43 3.19
CA LYS A 323 21.37 8.44 3.63
C LYS A 323 21.34 9.69 2.75
N ASP A 324 20.65 9.67 1.61
CA ASP A 324 20.50 10.85 0.75
C ASP A 324 19.07 10.84 0.19
N GLN A 325 18.17 11.58 0.83
CA GLN A 325 16.78 11.58 0.35
C GLN A 325 16.65 12.14 -1.05
N ASP A 326 17.61 12.98 -1.46
CA ASP A 326 17.57 13.57 -2.79
C ASP A 326 17.59 12.53 -3.89
N SER A 327 18.37 11.46 -3.72
CA SER A 327 18.36 10.39 -4.72
C SER A 327 16.93 9.88 -4.96
N LEU A 328 16.21 9.57 -3.89
CA LEU A 328 14.82 9.14 -4.02
C LEU A 328 13.96 10.20 -4.71
N THR A 329 13.93 11.42 -4.17
CA THR A 329 12.97 12.39 -4.70
C THR A 329 13.32 12.83 -6.12
N LEU A 330 14.60 12.87 -6.47
CA LEU A 330 14.99 13.15 -7.86
C LEU A 330 14.52 12.04 -8.79
N ALA A 331 14.54 10.78 -8.33
CA ALA A 331 14.03 9.71 -9.20
C ALA A 331 12.50 9.73 -9.28
N LEU A 332 11.82 10.02 -8.17
CA LEU A 332 10.40 9.74 -8.03
C LEU A 332 9.52 10.98 -8.17
N SER A 333 10.09 12.17 -8.21
CA SER A 333 9.33 13.40 -8.39
C SER A 333 8.86 13.54 -9.83
N THR A 334 7.67 14.13 -9.99
CA THR A 334 7.17 14.47 -11.31
C THR A 334 7.17 15.96 -11.59
N ASN A 335 7.70 16.80 -10.66
CA ASN A 335 7.68 18.25 -10.82
C ASN A 335 8.86 18.73 -11.67
N PRO A 336 8.61 19.66 -12.62
CA PRO A 336 9.62 20.19 -13.53
C PRO A 336 10.60 21.15 -12.84
N LEU A 348 12.63 22.28 1.91
CA LEU A 348 12.01 23.07 2.97
C LEU A 348 11.22 22.16 3.91
N VAL A 349 10.46 21.23 3.33
CA VAL A 349 9.68 20.27 4.10
C VAL A 349 9.56 18.99 3.29
N VAL A 350 9.24 17.90 3.98
CA VAL A 350 9.19 16.58 3.34
C VAL A 350 7.82 16.38 2.70
N ASP A 351 7.83 15.99 1.43
CA ASP A 351 6.61 15.57 0.72
C ASP A 351 6.82 14.09 0.42
N TYR A 352 6.14 13.24 1.20
CA TYR A 352 6.44 11.82 1.19
C TYR A 352 6.01 11.13 -0.09
N LYS A 353 5.11 11.73 -0.88
CA LYS A 353 4.79 11.14 -2.18
C LYS A 353 6.04 10.95 -3.02
N ASP A 354 7.05 11.81 -2.85
CA ASP A 354 8.27 11.72 -3.63
C ASP A 354 9.23 10.66 -3.12
N TRP A 355 8.87 9.95 -2.06
CA TRP A 355 9.68 8.86 -1.52
C TRP A 355 9.08 7.48 -1.78
N GLN A 356 7.99 7.38 -2.54
CA GLN A 356 7.23 6.13 -2.61
C GLN A 356 6.63 6.00 -4.01
N ILE A 357 6.00 4.85 -4.25
CA ILE A 357 5.33 4.59 -5.53
C ILE A 357 3.95 5.23 -5.50
N PRO A 358 3.09 4.92 -4.53
CA PRO A 358 1.75 5.52 -4.53
C PRO A 358 1.86 7.02 -4.34
N LEU A 359 0.73 7.69 -4.60
CA LEU A 359 0.61 9.10 -4.29
C LEU A 359 0.05 9.28 -2.88
N GLY A 360 -1.15 8.78 -2.64
CA GLY A 360 -1.76 8.88 -1.34
C GLY A 360 -1.11 7.95 -0.33
N ARG A 361 -1.44 8.19 0.93
CA ARG A 361 -0.96 7.37 2.03
C ARG A 361 -1.78 7.69 3.26
N ARG A 362 -1.96 6.69 4.12
CA ARG A 362 -2.74 6.86 5.33
C ARG A 362 -1.82 7.10 6.52
N PHE A 363 -2.42 7.39 7.66
CA PHE A 363 -1.70 7.84 8.84
C PHE A 363 -1.03 6.66 9.55
N ARG A 364 -0.10 6.02 8.84
CA ARG A 364 0.52 4.80 9.33
C ARG A 364 1.48 5.04 10.48
N SER A 365 1.99 6.26 10.65
CA SER A 365 2.91 6.48 11.77
C SER A 365 2.20 6.45 13.12
N LEU A 366 0.88 6.62 13.14
CA LEU A 366 0.14 6.60 14.40
C LEU A 366 0.32 5.27 15.12
N LYS A 367 0.16 4.16 14.42
CA LYS A 367 0.27 2.86 15.06
C LYS A 367 1.69 2.60 15.56
N LEU A 368 2.70 3.02 14.80
CA LEU A 368 4.06 2.85 15.28
C LEU A 368 4.31 3.70 16.52
N TRP A 369 3.86 4.94 16.49
CA TRP A 369 3.98 5.81 17.66
C TRP A 369 3.30 5.19 18.87
N MET A 370 2.11 4.63 18.68
CA MET A 370 1.36 4.09 19.81
C MET A 370 2.01 2.81 20.32
N VAL A 371 2.55 1.98 19.43
CA VAL A 371 3.34 0.83 19.87
C VAL A 371 4.49 1.30 20.74
N LEU A 372 5.30 2.21 20.22
CA LEU A 372 6.46 2.69 20.97
C LEU A 372 6.04 3.23 22.33
N ARG A 373 5.00 4.07 22.36
CA ARG A 373 4.65 4.72 23.62
C ARG A 373 4.01 3.74 24.61
N LEU A 374 3.04 2.93 24.14
CA LEU A 374 2.29 2.06 25.04
C LEU A 374 3.09 0.86 25.50
N TYR A 375 4.16 0.49 24.82
CA TYR A 375 4.96 -0.64 25.26
C TYR A 375 6.32 -0.26 25.83
N GLY A 376 7.05 0.67 25.20
CA GLY A 376 8.36 0.96 25.74
C GLY A 376 9.44 0.12 25.11
N SER A 377 10.61 0.73 24.97
CA SER A 377 11.76 -0.01 24.46
C SER A 377 12.07 -1.20 25.34
N GLU A 378 11.88 -1.06 26.65
CA GLU A 378 12.15 -2.16 27.56
C GLU A 378 11.22 -3.34 27.29
N THR A 379 9.92 -3.07 27.13
CA THR A 379 8.98 -4.15 26.84
C THR A 379 9.25 -4.75 25.46
N LEU A 380 9.60 -3.93 24.48
CA LEU A 380 9.89 -4.47 23.15
C LEU A 380 11.12 -5.38 23.18
N LYS A 381 12.14 -4.97 23.93
CA LYS A 381 13.32 -5.82 24.11
C LYS A 381 12.94 -7.14 24.78
N SER A 382 12.18 -7.07 25.89
CA SER A 382 11.79 -8.29 26.59
C SER A 382 10.96 -9.21 25.70
N TYR A 383 10.15 -8.63 24.83
CA TYR A 383 9.32 -9.42 23.91
C TYR A 383 10.17 -10.14 22.87
N ILE A 384 11.10 -9.41 22.23
CA ILE A 384 12.05 -10.02 21.32
C ILE A 384 12.78 -11.16 22.02
N ARG A 385 13.25 -10.89 23.24
CA ARG A 385 14.05 -11.88 23.97
C ARG A 385 13.22 -13.09 24.36
N ASN A 386 11.95 -12.88 24.69
CA ASN A 386 11.10 -13.99 25.07
C ASN A 386 10.86 -14.91 23.89
N HIS A 387 10.61 -14.33 22.71
CA HIS A 387 10.47 -15.17 21.52
C HIS A 387 11.77 -15.92 21.22
N ILE A 388 12.92 -15.26 21.38
CA ILE A 388 14.18 -15.96 21.12
C ILE A 388 14.40 -17.07 22.13
N LYS A 389 13.99 -16.86 23.38
CA LYS A 389 14.10 -17.89 24.40
C LYS A 389 13.21 -19.08 24.05
N LEU A 390 11.99 -18.82 23.57
CA LEU A 390 11.12 -19.90 23.13
C LEU A 390 11.75 -20.67 21.98
N ALA A 391 12.35 -19.96 21.02
CA ALA A 391 13.00 -20.61 19.89
C ALA A 391 14.20 -21.44 20.35
N LYS A 392 14.93 -20.96 21.35
CA LYS A 392 16.05 -21.73 21.88
C LYS A 392 15.54 -22.99 22.59
N GLU A 393 14.41 -22.90 23.29
CA GLU A 393 13.82 -24.09 23.88
C GLU A 393 13.43 -25.10 22.81
N PHE A 394 12.83 -24.63 21.71
CA PHE A 394 12.49 -25.52 20.60
C PHE A 394 13.75 -26.15 20.01
N GLU A 395 14.82 -25.37 19.86
CA GLU A 395 16.07 -25.92 19.37
C GLU A 395 16.60 -27.01 20.30
N GLN A 396 16.48 -26.80 21.62
CA GLN A 396 16.89 -27.82 22.57
C GLN A 396 16.06 -29.09 22.41
N LEU A 397 14.73 -28.94 22.31
CA LEU A 397 13.88 -30.09 22.10
C LEU A 397 14.29 -30.86 20.85
N VAL A 398 14.60 -30.15 19.76
CA VAL A 398 15.02 -30.82 18.53
C VAL A 398 16.31 -31.58 18.76
N SER A 399 17.30 -30.93 19.37
CA SER A 399 18.61 -31.56 19.54
C SER A 399 18.53 -32.85 20.36
N GLN A 400 17.52 -32.98 21.23
CA GLN A 400 17.40 -34.18 22.06
C GLN A 400 16.80 -35.37 21.33
N ASP A 401 16.20 -35.17 20.17
CA ASP A 401 15.56 -36.26 19.44
C ASP A 401 16.50 -36.76 18.35
N PRO A 402 16.96 -38.01 18.40
CA PRO A 402 17.92 -38.47 17.39
C PRO A 402 17.34 -38.57 15.99
N ASN A 403 16.01 -38.69 15.87
CA ASN A 403 15.37 -38.74 14.55
C ASN A 403 15.42 -37.40 13.82
N PHE A 404 15.80 -36.32 14.48
CA PHE A 404 15.84 -35.01 13.85
C PHE A 404 17.25 -34.43 13.89
N GLU A 405 17.43 -33.33 13.19
CA GLU A 405 18.72 -32.64 13.18
C GLU A 405 18.50 -31.17 12.89
N ILE A 406 19.36 -30.34 13.46
CA ILE A 406 19.42 -28.92 13.15
C ILE A 406 20.24 -28.73 11.88
N VAL A 407 19.68 -28.01 10.92
CA VAL A 407 20.29 -27.90 9.58
C VAL A 407 21.29 -26.75 9.51
N THR A 408 20.96 -25.62 10.12
CA THR A 408 21.81 -24.44 10.13
C THR A 408 21.73 -23.82 11.53
N PRO A 409 22.77 -23.11 11.96
CA PRO A 409 22.74 -22.52 13.30
C PRO A 409 21.56 -21.56 13.46
N ARG A 410 20.96 -21.56 14.65
CA ARG A 410 19.87 -20.65 14.98
C ARG A 410 20.47 -19.38 15.57
N ILE A 411 20.16 -18.24 14.96
CA ILE A 411 20.66 -16.95 15.38
C ILE A 411 19.59 -16.13 16.10
N PHE A 412 18.35 -16.23 15.64
CA PHE A 412 17.25 -15.46 16.23
C PHE A 412 16.13 -16.39 16.69
N ALA A 413 14.90 -16.14 16.25
CA ALA A 413 13.74 -16.93 16.64
C ALA A 413 13.29 -17.89 15.54
N LEU A 414 14.18 -18.24 14.61
CA LEU A 414 13.90 -19.19 13.56
C LEU A 414 14.77 -20.43 13.76
N VAL A 415 14.13 -21.60 13.81
CA VAL A 415 14.84 -22.87 13.92
C VAL A 415 14.62 -23.64 12.63
N CYS A 416 15.72 -23.98 11.96
CA CYS A 416 15.68 -24.83 10.78
C CYS A 416 16.07 -26.24 11.18
N PHE A 417 15.24 -27.21 10.80
CA PHE A 417 15.51 -28.59 11.20
C PHE A 417 15.03 -29.54 10.11
N ARG A 418 15.22 -30.84 10.35
CA ARG A 418 14.67 -31.81 9.42
C ARG A 418 14.87 -33.22 9.96
N LEU A 419 14.08 -34.15 9.43
CA LEU A 419 14.26 -35.56 9.72
C LEU A 419 15.59 -36.06 9.18
N VAL A 420 16.26 -36.87 9.99
CA VAL A 420 17.56 -37.44 9.61
C VAL A 420 17.39 -38.41 8.47
N PRO A 421 18.25 -38.37 7.45
CA PRO A 421 18.13 -39.32 6.34
C PRO A 421 18.23 -40.76 6.83
N VAL A 422 17.46 -41.64 6.20
CA VAL A 422 17.48 -43.05 6.56
C VAL A 422 17.67 -43.91 5.32
N LYS A 428 12.57 -44.46 -2.36
CA LYS A 428 12.85 -43.20 -3.04
C LYS A 428 11.57 -42.57 -3.60
N CYS A 429 11.71 -41.40 -4.23
CA CYS A 429 10.56 -40.65 -4.76
C CYS A 429 9.84 -39.86 -3.67
N ASN A 430 9.68 -40.47 -2.50
CA ASN A 430 8.97 -39.82 -1.41
C ASN A 430 9.93 -38.94 -0.62
N ASN A 431 9.41 -37.81 -0.14
CA ASN A 431 10.19 -36.87 0.66
C ASN A 431 9.57 -36.85 2.05
N ARG A 432 10.25 -37.48 3.01
CA ARG A 432 9.65 -37.66 4.32
C ARG A 432 9.45 -36.33 5.04
N ASN A 433 10.28 -35.33 4.73
CA ASN A 433 10.14 -34.06 5.40
C ASN A 433 8.85 -33.36 4.96
N ARG A 434 8.57 -33.39 3.65
CA ARG A 434 7.31 -32.82 3.16
C ARG A 434 6.11 -33.58 3.68
N GLU A 435 6.20 -34.93 3.75
CA GLU A 435 5.10 -35.71 4.30
C GLU A 435 4.83 -35.32 5.76
N LEU A 436 5.90 -35.19 6.54
CA LEU A 436 5.75 -34.79 7.94
C LEU A 436 5.09 -33.43 8.05
N LEU A 437 5.57 -32.47 7.25
CA LEU A 437 5.00 -31.12 7.30
C LEU A 437 3.53 -31.10 6.90
N ASP A 438 3.18 -31.84 5.84
CA ASP A 438 1.79 -31.88 5.39
C ASP A 438 0.89 -32.47 6.45
N ALA A 439 1.32 -33.59 7.08
CA ALA A 439 0.50 -34.19 8.12
C ALA A 439 0.36 -33.26 9.32
N VAL A 440 1.46 -32.60 9.73
CA VAL A 440 1.41 -31.69 10.86
C VAL A 440 0.45 -30.54 10.57
N ASN A 441 0.63 -29.89 9.42
CA ASN A 441 -0.22 -28.76 9.07
C ASN A 441 -1.68 -29.18 8.91
N SER A 442 -1.94 -30.40 8.42
CA SER A 442 -3.29 -30.88 8.26
C SER A 442 -3.94 -31.24 9.59
N SER A 443 -3.15 -31.51 10.62
CA SER A 443 -3.73 -31.68 11.94
C SER A 443 -4.52 -30.46 12.38
N GLY A 444 -4.16 -29.29 11.87
CA GLY A 444 -4.76 -28.04 12.31
C GLY A 444 -4.26 -27.54 13.65
N LYS A 445 -3.39 -28.28 14.32
CA LYS A 445 -2.93 -27.91 15.64
C LYS A 445 -1.84 -26.84 15.60
N LEU A 446 -1.14 -26.72 14.48
CA LEU A 446 -0.10 -25.73 14.30
C LEU A 446 0.14 -25.56 12.81
N PHE A 447 0.94 -24.55 12.46
CA PHE A 447 1.27 -24.31 11.06
C PHE A 447 2.74 -23.93 10.96
N MET A 448 3.46 -24.62 10.09
CA MET A 448 4.87 -24.34 9.83
C MET A 448 5.08 -24.38 8.33
N SER A 449 6.18 -23.78 7.87
CA SER A 449 6.50 -23.78 6.46
C SER A 449 7.86 -24.42 6.22
N HIS A 450 8.18 -24.59 4.95
CA HIS A 450 9.43 -25.23 4.53
C HIS A 450 10.22 -24.27 3.64
N THR A 451 11.48 -24.64 3.41
CA THR A 451 12.34 -23.95 2.46
C THR A 451 13.28 -24.99 1.86
N ALA A 452 14.27 -24.51 1.11
CA ALA A 452 15.29 -25.40 0.54
C ALA A 452 16.65 -24.76 0.73
N LEU A 453 17.61 -25.53 1.24
CA LEU A 453 19.00 -25.10 1.34
C LEU A 453 19.86 -26.08 0.55
N SER A 454 20.69 -25.57 -0.34
CA SER A 454 21.59 -26.39 -1.14
C SER A 454 20.84 -27.52 -1.83
N GLY A 455 19.57 -27.28 -2.15
CA GLY A 455 18.75 -28.19 -2.91
C GLY A 455 17.88 -29.11 -2.08
N LYS A 456 18.16 -29.29 -0.80
CA LYS A 456 17.37 -30.19 0.02
C LYS A 456 16.39 -29.43 0.91
N ILE A 457 15.25 -30.07 1.15
CA ILE A 457 14.16 -29.45 1.89
C ILE A 457 14.53 -29.27 3.36
N VAL A 458 14.00 -28.21 3.96
CA VAL A 458 14.30 -27.84 5.34
C VAL A 458 13.01 -27.37 5.99
N LEU A 459 12.67 -27.90 7.15
CA LEU A 459 11.50 -27.45 7.88
C LEU A 459 11.85 -26.26 8.75
N ARG A 460 10.89 -25.34 8.91
CA ARG A 460 11.12 -24.12 9.66
C ARG A 460 10.13 -24.01 10.80
N CYS A 461 10.61 -23.57 11.95
CA CYS A 461 9.77 -23.16 13.06
C CYS A 461 10.21 -21.74 13.46
N ALA A 462 9.40 -20.76 13.09
CA ALA A 462 9.68 -19.34 13.35
C ALA A 462 8.72 -18.83 14.43
N ILE A 463 9.22 -18.66 15.64
CA ILE A 463 8.40 -18.23 16.77
C ILE A 463 8.30 -16.71 16.74
N GLY A 464 7.09 -16.19 16.50
CA GLY A 464 6.90 -14.75 16.40
C GLY A 464 5.54 -14.21 16.81
N ALA A 465 4.55 -15.07 17.03
CA ALA A 465 3.22 -14.59 17.38
C ALA A 465 3.21 -14.08 18.82
N PRO A 466 2.58 -12.93 19.08
CA PRO A 466 2.52 -12.41 20.46
C PRO A 466 1.87 -13.36 21.45
N LEU A 467 0.92 -14.18 21.01
CA LEU A 467 0.23 -15.09 21.92
C LEU A 467 1.04 -16.32 22.27
N THR A 468 2.08 -16.64 21.49
CA THR A 468 2.80 -17.89 21.69
C THR A 468 3.44 -17.94 23.07
N GLU A 469 3.22 -19.04 23.78
CA GLU A 469 3.86 -19.31 25.06
C GLU A 469 4.64 -20.63 24.97
N GLU A 470 5.41 -20.93 26.02
CA GLU A 470 6.21 -22.15 25.98
C GLU A 470 5.32 -23.39 25.87
N LYS A 471 4.10 -23.33 26.42
CA LYS A 471 3.17 -24.45 26.29
C LYS A 471 2.90 -24.78 24.83
N HIS A 472 2.71 -23.75 23.99
CA HIS A 472 2.41 -23.99 22.58
C HIS A 472 3.60 -24.58 21.86
N VAL A 473 4.82 -24.14 22.20
CA VAL A 473 6.03 -24.72 21.61
C VAL A 473 6.16 -26.17 22.01
N LYS A 474 5.91 -26.50 23.28
CA LYS A 474 5.99 -27.87 23.74
C LYS A 474 4.97 -28.75 23.02
N GLU A 475 3.72 -28.28 22.94
CA GLU A 475 2.68 -29.07 22.28
C GLU A 475 3.00 -29.26 20.80
N ALA A 476 3.55 -28.22 20.16
CA ALA A 476 3.95 -28.34 18.76
C ALA A 476 5.03 -29.38 18.59
N TRP A 477 6.03 -29.40 19.47
CA TRP A 477 7.07 -30.42 19.36
C TRP A 477 6.50 -31.81 19.57
N LYS A 478 5.58 -31.96 20.53
CA LYS A 478 4.96 -33.26 20.77
C LYS A 478 4.18 -33.72 19.54
N ILE A 479 3.46 -32.80 18.90
CA ILE A 479 2.71 -33.14 17.69
C ILE A 479 3.66 -33.56 16.57
N ILE A 480 4.76 -32.82 16.40
CA ILE A 480 5.72 -33.18 15.36
C ILE A 480 6.28 -34.57 15.63
N GLN A 481 6.63 -34.86 16.89
CA GLN A 481 7.18 -36.17 17.23
C GLN A 481 6.17 -37.28 16.96
N GLU A 482 4.92 -37.08 17.38
CA GLU A 482 3.89 -38.10 17.16
C GLU A 482 3.66 -38.35 15.67
N GLU A 483 3.60 -37.26 14.89
CA GLU A 483 3.36 -37.41 13.46
C GLU A 483 4.53 -38.10 12.78
N ALA A 484 5.77 -37.73 13.13
CA ALA A 484 6.93 -38.40 12.56
C ALA A 484 6.91 -39.89 12.91
N SER A 485 6.59 -40.22 14.16
CA SER A 485 6.55 -41.63 14.55
C SER A 485 5.49 -42.39 13.76
N TYR A 486 4.30 -41.80 13.59
CA TYR A 486 3.26 -42.47 12.81
C TYR A 486 3.68 -42.66 11.37
N LEU A 487 4.33 -41.65 10.77
CA LEU A 487 4.74 -41.77 9.37
C LEU A 487 5.85 -42.79 9.21
N LEU A 488 6.73 -42.89 10.21
CA LEU A 488 7.86 -43.80 10.15
C LEU A 488 7.43 -45.26 10.22
N HIS A 489 6.23 -45.52 10.73
CA HIS A 489 5.74 -46.89 10.87
C HIS A 489 4.55 -47.16 9.94
N VAL B 8 -1.08 -3.06 33.27
CA VAL B 8 -0.02 -2.96 32.27
C VAL B 8 -0.45 -3.59 30.96
N LEU B 9 -0.20 -2.90 29.85
CA LEU B 9 -0.68 -3.34 28.55
C LEU B 9 0.26 -4.41 27.98
N LYS B 10 -0.34 -5.48 27.45
CA LYS B 10 0.38 -6.60 26.87
C LYS B 10 0.41 -6.50 25.36
N PRO B 11 1.40 -7.14 24.71
CA PRO B 11 1.39 -7.21 23.24
C PRO B 11 0.06 -7.65 22.66
N MET B 12 -0.54 -8.70 23.19
CA MET B 12 -1.87 -9.11 22.77
C MET B 12 -2.61 -9.70 23.96
N ASP B 13 -3.88 -9.32 24.08
CA ASP B 13 -4.75 -9.83 25.14
C ASP B 13 -6.19 -9.48 24.81
N SER B 14 -7.04 -10.49 24.68
CA SER B 14 -8.40 -10.29 24.18
C SER B 14 -9.17 -9.27 25.03
N GLU B 15 -9.01 -9.34 26.35
CA GLU B 15 -9.80 -8.47 27.22
C GLU B 15 -9.23 -7.05 27.26
N GLN B 16 -7.90 -6.92 27.30
CA GLN B 16 -7.30 -5.60 27.16
C GLN B 16 -7.65 -4.99 25.81
N LEU B 17 -7.61 -5.80 24.75
CA LEU B 17 -8.04 -5.31 23.45
C LEU B 17 -9.49 -4.85 23.49
N ARG B 18 -10.35 -5.60 24.18
CA ARG B 18 -11.75 -5.21 24.27
C ARG B 18 -11.91 -3.86 24.96
N GLU B 19 -11.30 -3.71 26.14
CA GLU B 19 -11.41 -2.46 26.90
C GLU B 19 -10.84 -1.27 26.12
N TYR B 20 -9.60 -1.40 25.66
CA TYR B 20 -8.96 -0.30 24.95
C TYR B 20 -9.63 -0.01 23.62
N GLY B 21 -10.19 -1.02 22.96
CA GLY B 21 -10.88 -0.77 21.71
C GLY B 21 -12.19 -0.04 21.93
N HIS B 22 -12.89 -0.35 23.02
CA HIS B 22 -14.06 0.46 23.38
C HIS B 22 -13.66 1.90 23.63
N LEU B 23 -12.56 2.11 24.37
CA LEU B 23 -12.10 3.48 24.60
C LEU B 23 -11.81 4.19 23.29
N MET B 24 -11.14 3.51 22.36
CA MET B 24 -10.80 4.13 21.08
C MET B 24 -12.03 4.38 20.22
N VAL B 25 -13.03 3.49 20.28
CA VAL B 25 -14.27 3.72 19.55
C VAL B 25 -14.95 4.98 20.08
N ASP B 26 -15.01 5.14 21.39
CA ASP B 26 -15.58 6.37 21.95
C ASP B 26 -14.77 7.58 21.49
N PHE B 27 -13.44 7.46 21.45
CA PHE B 27 -12.61 8.58 21.03
C PHE B 27 -12.92 8.99 19.60
N ILE B 28 -12.95 8.01 18.68
CA ILE B 28 -13.18 8.30 17.27
C ILE B 28 -14.60 8.82 17.05
N ALA B 29 -15.59 8.25 17.75
CA ALA B 29 -16.94 8.77 17.65
C ALA B 29 -17.01 10.21 18.12
N ASP B 30 -16.31 10.53 19.22
CA ASP B 30 -16.27 11.91 19.69
C ASP B 30 -15.64 12.82 18.66
N TYR B 31 -14.59 12.35 17.99
CA TYR B 31 -13.98 13.13 16.91
C TYR B 31 -15.01 13.41 15.81
N TYR B 32 -15.74 12.39 15.39
CA TYR B 32 -16.72 12.60 14.33
C TYR B 32 -17.86 13.52 14.77
N LYS B 33 -18.28 13.43 16.03
CA LYS B 33 -19.41 14.25 16.48
C LYS B 33 -19.05 15.72 16.51
N THR B 34 -17.78 16.05 16.71
CA THR B 34 -17.34 17.43 16.87
C THR B 34 -16.39 17.87 15.75
N ILE B 35 -16.39 17.14 14.64
CA ILE B 35 -15.42 17.41 13.56
C ILE B 35 -15.58 18.83 13.03
N GLU B 36 -16.79 19.39 13.10
CA GLU B 36 -17.01 20.73 12.58
C GLU B 36 -16.36 21.81 13.42
N ASP B 37 -15.92 21.51 14.64
CA ASP B 37 -15.30 22.50 15.51
C ASP B 37 -13.84 22.77 15.17
N PHE B 38 -13.25 22.02 14.25
CA PHE B 38 -11.85 22.25 13.89
C PHE B 38 -11.73 23.03 12.59
N PRO B 39 -10.65 23.79 12.41
CA PRO B 39 -10.35 24.35 11.09
C PRO B 39 -10.08 23.25 10.08
N VAL B 40 -10.81 23.28 8.96
CA VAL B 40 -10.73 22.18 8.00
C VAL B 40 -9.29 21.98 7.53
N LEU B 41 -8.69 23.03 6.96
CA LEU B 41 -7.28 22.98 6.59
C LEU B 41 -6.42 23.26 7.81
N SER B 42 -5.43 22.40 8.06
CA SER B 42 -4.54 22.64 9.18
C SER B 42 -3.88 24.00 9.02
N GLN B 43 -3.71 24.69 10.15
CA GLN B 43 -3.14 26.04 10.17
C GLN B 43 -1.80 26.09 10.89
N VAL B 44 -1.22 24.94 11.24
CA VAL B 44 0.03 24.92 11.99
C VAL B 44 1.19 25.29 11.07
N GLN B 45 2.36 25.60 11.67
CA GLN B 45 3.60 25.87 10.95
C GLN B 45 4.40 24.58 10.78
N PRO B 46 5.17 24.47 9.70
CA PRO B 46 5.99 23.26 9.50
C PRO B 46 7.02 23.11 10.61
N GLY B 47 7.13 21.89 11.14
CA GLY B 47 8.06 21.60 12.22
C GLY B 47 7.49 21.77 13.61
N TYR B 48 6.22 22.12 13.73
CA TYR B 48 5.64 22.38 15.05
C TYR B 48 5.68 21.13 15.93
N LEU B 49 5.66 19.93 15.33
CA LEU B 49 5.40 18.73 16.11
C LEU B 49 6.65 18.21 16.82
N HIS B 50 7.79 18.21 16.13
N HIS B 50 7.80 18.23 16.15
CA HIS B 50 9.03 17.73 16.74
CA HIS B 50 9.00 17.70 16.77
C HIS B 50 9.32 18.45 18.06
C HIS B 50 9.37 18.47 18.04
N LYS B 51 8.96 19.73 18.15
CA LYS B 51 9.20 20.48 19.37
C LYS B 51 8.27 20.06 20.51
N LEU B 52 7.12 19.45 20.19
CA LEU B 52 6.15 19.04 21.20
C LEU B 52 6.37 17.62 21.70
N LEU B 53 7.11 16.80 20.99
CA LEU B 53 7.30 15.41 21.35
C LEU B 53 8.76 15.15 21.74
N PRO B 54 9.01 14.14 22.59
CA PRO B 54 10.38 13.78 22.90
C PRO B 54 11.13 13.38 21.64
N ASP B 55 12.45 13.40 21.73
CA ASP B 55 13.30 12.99 20.63
C ASP B 55 13.72 11.52 20.73
N SER B 56 13.17 10.77 21.68
CA SER B 56 13.45 9.36 21.84
C SER B 56 12.19 8.62 22.25
N ALA B 57 12.11 7.35 21.89
CA ALA B 57 11.03 6.53 22.39
C ALA B 57 11.17 6.36 23.89
N PRO B 58 10.06 6.18 24.61
CA PRO B 58 10.13 6.04 26.06
C PRO B 58 10.63 4.66 26.48
N ASP B 59 11.31 4.64 27.62
CA ASP B 59 11.82 3.39 28.16
C ASP B 59 10.71 2.51 28.72
N HIS B 60 9.76 3.12 29.41
CA HIS B 60 8.65 2.41 30.01
C HIS B 60 7.33 2.82 29.36
N PRO B 61 6.28 1.99 29.49
CA PRO B 61 5.04 2.28 28.78
C PRO B 61 4.38 3.55 29.30
N GLU B 62 3.60 4.18 28.42
CA GLU B 62 2.79 5.34 28.77
C GLU B 62 1.32 4.98 28.65
N THR B 63 0.48 5.69 29.42
CA THR B 63 -0.93 5.35 29.48
C THR B 63 -1.62 5.67 28.16
N LEU B 64 -2.75 4.99 27.93
CA LEU B 64 -3.55 5.32 26.75
C LEU B 64 -4.23 6.66 26.88
N ASP B 65 -4.59 7.06 28.11
CA ASP B 65 -5.20 8.38 28.30
C ASP B 65 -4.23 9.49 27.91
N GLN B 66 -2.96 9.35 28.27
CA GLN B 66 -1.98 10.37 27.88
C GLN B 66 -1.78 10.39 26.37
N VAL B 67 -1.78 9.21 25.73
CA VAL B 67 -1.63 9.15 24.29
C VAL B 67 -2.82 9.85 23.61
N LEU B 68 -4.04 9.56 24.08
CA LEU B 68 -5.21 10.19 23.48
C LEU B 68 -5.22 11.68 23.73
N ASP B 69 -4.75 12.11 24.90
CA ASP B 69 -4.66 13.55 25.17
C ASP B 69 -3.65 14.23 24.26
N ASP B 70 -2.52 13.56 23.99
CA ASP B 70 -1.57 14.11 23.03
C ASP B 70 -2.16 14.16 21.63
N VAL B 71 -2.94 13.15 21.26
CA VAL B 71 -3.64 13.19 19.98
C VAL B 71 -4.52 14.43 19.91
N ARG B 72 -5.27 14.69 20.98
CA ARG B 72 -6.15 15.85 21.02
C ARG B 72 -5.35 17.15 20.91
N ALA B 73 -4.28 17.27 21.70
CA ALA B 73 -3.61 18.55 21.89
C ALA B 73 -2.44 18.80 20.96
N LYS B 74 -1.83 17.75 20.42
CA LYS B 74 -0.64 17.91 19.59
C LYS B 74 -0.83 17.44 18.17
N ILE B 75 -1.57 16.36 17.95
CA ILE B 75 -1.73 15.82 16.61
C ILE B 75 -2.92 16.44 15.89
N LEU B 76 -4.07 16.56 16.55
CA LEU B 76 -5.26 17.04 15.87
C LEU B 76 -5.10 18.43 15.26
N PRO B 77 -4.46 19.41 15.93
CA PRO B 77 -4.19 20.68 15.23
C PRO B 77 -3.41 20.50 13.94
N GLY B 78 -2.59 19.45 13.86
CA GLY B 78 -1.81 19.22 12.65
C GLY B 78 -2.50 18.32 11.65
N VAL B 79 -3.82 18.19 11.79
CA VAL B 79 -4.61 17.34 10.90
C VAL B 79 -5.45 18.23 9.99
N THR B 80 -5.44 17.93 8.70
CA THR B 80 -6.39 18.50 7.76
C THR B 80 -7.55 17.51 7.63
N HIS B 81 -8.75 17.96 7.99
CA HIS B 81 -9.87 17.04 8.23
C HIS B 81 -10.55 16.69 6.92
N TRP B 82 -10.10 15.58 6.33
CA TRP B 82 -10.67 15.08 5.08
C TRP B 82 -12.14 14.69 5.21
N GLN B 83 -12.60 14.37 6.42
CA GLN B 83 -13.97 13.94 6.63
C GLN B 83 -14.86 15.06 7.13
N SER B 84 -14.34 16.27 7.27
CA SER B 84 -15.18 17.40 7.63
C SER B 84 -16.24 17.61 6.55
N PRO B 85 -17.47 17.96 6.93
CA PRO B 85 -18.50 18.25 5.93
C PRO B 85 -18.20 19.51 5.11
N SER B 86 -17.18 20.27 5.48
CA SER B 86 -16.79 21.46 4.74
C SER B 86 -15.47 21.25 4.01
N PHE B 87 -15.05 19.99 3.84
CA PHE B 87 -13.88 19.63 3.06
C PHE B 87 -14.34 19.51 1.60
N PHE B 88 -13.90 20.45 0.75
CA PHE B 88 -14.30 20.49 -0.65
C PHE B 88 -13.10 20.43 -1.59
N ALA B 89 -11.95 19.98 -1.09
CA ALA B 89 -10.70 20.07 -1.83
C ALA B 89 -10.41 18.79 -2.61
N TYR B 90 -9.52 18.93 -3.59
CA TYR B 90 -9.06 17.81 -4.40
C TYR B 90 -10.24 16.92 -4.76
N TYR B 91 -10.21 15.67 -4.35
CA TYR B 91 -11.36 14.78 -4.42
C TYR B 91 -11.57 14.13 -3.06
N PRO B 92 -12.80 13.70 -2.78
CA PRO B 92 -13.06 13.08 -1.48
C PRO B 92 -12.21 11.82 -1.29
N SER B 93 -11.96 11.50 -0.02
CA SER B 93 -11.36 10.22 0.39
C SER B 93 -12.30 9.67 1.47
N ASN B 94 -13.36 9.00 1.03
CA ASN B 94 -14.50 8.70 1.89
C ASN B 94 -14.11 7.85 3.09
N SER B 95 -14.75 8.13 4.22
CA SER B 95 -14.78 7.24 5.37
C SER B 95 -16.24 6.96 5.72
N SER B 96 -16.61 5.69 5.81
CA SER B 96 -17.97 5.31 6.17
C SER B 96 -17.95 4.42 7.40
N VAL B 97 -19.11 4.34 8.06
CA VAL B 97 -19.24 3.41 9.17
C VAL B 97 -18.88 2.00 8.70
N ALA B 98 -19.45 1.59 7.56
CA ALA B 98 -19.15 0.27 7.01
C ALA B 98 -17.67 0.10 6.73
N GLY B 99 -17.04 1.09 6.08
CA GLY B 99 -15.62 0.98 5.79
C GLY B 99 -14.77 0.97 7.06
N PHE B 100 -15.18 1.76 8.06
CA PHE B 100 -14.46 1.76 9.32
C PHE B 100 -14.52 0.40 10.00
N LEU B 101 -15.72 -0.21 10.03
CA LEU B 101 -15.85 -1.56 10.59
C LEU B 101 -15.01 -2.57 9.82
N GLY B 102 -14.98 -2.43 8.50
CA GLY B 102 -14.17 -3.33 7.70
C GLY B 102 -12.69 -3.21 8.02
N GLU B 103 -12.22 -1.96 8.18
CA GLU B 103 -10.83 -1.75 8.57
C GLU B 103 -10.55 -2.34 9.94
N MET B 104 -11.47 -2.16 10.89
CA MET B 104 -11.32 -2.78 12.20
C MET B 104 -11.14 -4.28 12.07
N LEU B 105 -12.07 -4.95 11.37
CA LEU B 105 -12.02 -6.41 11.27
C LEU B 105 -10.75 -6.87 10.56
N SER B 106 -10.35 -6.16 9.51
CA SER B 106 -9.11 -6.48 8.81
C SER B 106 -7.90 -6.40 9.74
N ALA B 107 -7.79 -5.32 10.50
CA ALA B 107 -6.68 -5.19 11.43
C ALA B 107 -6.73 -6.24 12.53
N GLY B 108 -7.95 -6.57 13.01
CA GLY B 108 -8.06 -7.53 14.10
C GLY B 108 -7.66 -8.93 13.68
N LEU B 109 -8.14 -9.38 12.52
CA LEU B 109 -7.75 -10.69 12.02
C LEU B 109 -6.24 -10.75 11.77
N GLY B 110 -5.67 -9.69 11.24
CA GLY B 110 -4.22 -9.58 11.08
C GLY B 110 -3.60 -10.60 10.15
N ILE B 111 -4.24 -10.87 9.01
CA ILE B 111 -3.74 -11.82 8.05
C ILE B 111 -3.00 -11.07 6.94
N VAL B 112 -2.10 -11.76 6.26
CA VAL B 112 -1.40 -11.22 5.11
C VAL B 112 -1.55 -12.23 3.98
N GLY B 113 -2.38 -11.92 2.99
CA GLY B 113 -2.76 -12.86 1.97
C GLY B 113 -2.00 -12.72 0.67
N PHE B 114 -0.67 -12.82 0.71
CA PHE B 114 0.09 -12.79 -0.54
C PHE B 114 -0.16 -14.02 -1.41
N SER B 115 -0.59 -15.13 -0.84
CA SER B 115 -0.92 -16.32 -1.60
C SER B 115 -2.30 -16.83 -1.17
N TRP B 116 -2.89 -17.67 -2.01
CA TRP B 116 -4.20 -18.20 -1.68
C TRP B 116 -4.15 -18.95 -0.36
N VAL B 117 -3.10 -19.75 -0.16
CA VAL B 117 -3.02 -20.61 1.03
C VAL B 117 -3.00 -19.77 2.31
N THR B 118 -2.34 -18.61 2.28
CA THR B 118 -2.20 -17.84 3.50
C THR B 118 -3.46 -17.05 3.83
N SER B 119 -4.64 -17.58 3.42
CA SER B 119 -6.01 -17.17 3.73
C SER B 119 -6.87 -17.21 2.46
N PRO B 120 -7.39 -18.38 2.11
CA PRO B 120 -8.22 -18.50 0.90
C PRO B 120 -9.35 -17.48 0.81
N ALA B 121 -10.02 -17.17 1.93
CA ALA B 121 -11.10 -16.20 1.90
C ALA B 121 -10.61 -14.82 1.47
N ALA B 122 -9.39 -14.44 1.85
CA ALA B 122 -8.89 -13.12 1.49
C ALA B 122 -8.73 -12.96 -0.01
N THR B 123 -8.49 -14.05 -0.73
CA THR B 123 -8.41 -14.02 -2.20
C THR B 123 -9.78 -14.16 -2.83
N GLU B 124 -10.57 -15.10 -2.33
CA GLU B 124 -11.84 -15.40 -2.99
C GLU B 124 -12.87 -14.32 -2.75
N LEU B 125 -12.92 -13.75 -1.54
CA LEU B 125 -13.84 -12.64 -1.32
C LEU B 125 -13.47 -11.46 -2.20
N GLU B 126 -12.18 -11.26 -2.45
CA GLU B 126 -11.78 -10.17 -3.32
C GLU B 126 -12.28 -10.40 -4.74
N MET B 127 -12.06 -11.62 -5.27
CA MET B 127 -12.60 -11.95 -6.58
C MET B 127 -14.10 -11.67 -6.64
N ILE B 128 -14.82 -12.11 -5.60
CA ILE B 128 -16.27 -12.00 -5.59
C ILE B 128 -16.71 -10.54 -5.57
N VAL B 129 -16.10 -9.72 -4.71
CA VAL B 129 -16.60 -8.36 -4.59
C VAL B 129 -16.17 -7.50 -5.77
N LEU B 130 -15.02 -7.79 -6.38
CA LEU B 130 -14.69 -7.15 -7.65
C LEU B 130 -15.72 -7.53 -8.71
N ASP B 131 -16.19 -8.79 -8.72
CA ASP B 131 -17.29 -9.16 -9.60
C ASP B 131 -18.56 -8.37 -9.28
N TRP B 132 -18.90 -8.25 -8.00
CA TRP B 132 -20.08 -7.48 -7.59
C TRP B 132 -20.03 -6.06 -8.16
N VAL B 133 -18.92 -5.36 -7.94
CA VAL B 133 -18.84 -3.98 -8.41
C VAL B 133 -18.86 -3.95 -9.94
N ALA B 134 -18.21 -4.93 -10.59
CA ALA B 134 -18.25 -4.96 -12.04
C ALA B 134 -19.67 -5.05 -12.54
N LYS B 135 -20.51 -5.84 -11.86
CA LYS B 135 -21.90 -5.94 -12.26
C LYS B 135 -22.65 -4.65 -11.98
N LEU B 136 -22.38 -3.99 -10.85
CA LEU B 136 -23.03 -2.70 -10.59
C LEU B 136 -22.64 -1.66 -11.65
N LEU B 137 -21.40 -1.71 -12.13
CA LEU B 137 -20.90 -0.84 -13.20
C LEU B 137 -21.31 -1.31 -14.58
N ASN B 138 -21.99 -2.45 -14.69
CA ASN B 138 -22.29 -3.06 -15.99
C ASN B 138 -21.06 -3.14 -16.88
N LEU B 139 -19.92 -3.54 -16.30
CA LEU B 139 -18.73 -3.76 -17.09
C LEU B 139 -18.93 -4.95 -18.03
N PRO B 140 -18.31 -4.94 -19.20
CA PRO B 140 -18.46 -6.09 -20.09
C PRO B 140 -17.85 -7.36 -19.49
N GLU B 141 -18.29 -8.50 -20.02
CA GLU B 141 -18.00 -9.79 -19.41
C GLU B 141 -16.51 -10.09 -19.37
N GLN B 142 -15.74 -9.53 -20.31
CA GLN B 142 -14.32 -9.80 -20.37
C GLN B 142 -13.61 -9.42 -19.07
N PHE B 143 -14.23 -8.61 -18.21
CA PHE B 143 -13.64 -8.20 -16.94
C PHE B 143 -14.08 -9.03 -15.75
N MET B 144 -14.91 -10.04 -15.96
CA MET B 144 -15.37 -10.89 -14.86
C MET B 144 -14.37 -12.01 -14.58
N SER B 145 -14.30 -12.40 -13.30
CA SER B 145 -13.30 -13.39 -12.89
C SER B 145 -13.51 -14.74 -13.55
N LYS B 146 -14.72 -15.05 -14.00
CA LYS B 146 -14.96 -16.36 -14.62
C LYS B 146 -14.32 -16.48 -16.00
N GLY B 147 -13.90 -15.38 -16.60
CA GLY B 147 -13.27 -15.39 -17.91
C GLY B 147 -11.75 -15.33 -17.85
N ASN B 148 -11.16 -14.76 -18.90
CA ASN B 148 -9.70 -14.60 -18.94
C ASN B 148 -9.24 -13.38 -18.15
N GLY B 149 -10.13 -12.44 -17.87
CA GLY B 149 -9.81 -11.24 -17.14
C GLY B 149 -10.10 -11.40 -15.66
N GLY B 150 -10.25 -10.28 -14.99
CA GLY B 150 -10.56 -10.32 -13.57
C GLY B 150 -10.34 -8.97 -12.92
N GLY B 151 -10.55 -8.95 -11.60
CA GLY B 151 -10.38 -7.74 -10.84
C GLY B 151 -9.43 -7.96 -9.67
N VAL B 152 -8.82 -6.87 -9.22
CA VAL B 152 -7.88 -6.92 -8.10
C VAL B 152 -7.92 -5.58 -7.38
N ILE B 153 -7.72 -5.63 -6.07
CA ILE B 153 -7.61 -4.43 -5.26
C ILE B 153 -6.14 -4.02 -5.21
N GLN B 154 -5.85 -2.82 -5.65
CA GLN B 154 -4.55 -2.18 -5.58
C GLN B 154 -4.58 -1.13 -4.47
N GLY B 155 -3.37 -0.72 -4.04
CA GLY B 155 -3.28 0.28 -3.00
C GLY B 155 -3.67 1.67 -3.44
N SER B 156 -3.70 1.92 -4.75
CA SER B 156 -3.96 3.26 -5.25
C SER B 156 -4.02 3.20 -6.75
N ALA B 157 -4.64 4.23 -7.35
CA ALA B 157 -4.68 4.34 -8.80
C ALA B 157 -3.29 4.53 -9.40
N SER B 158 -2.39 5.18 -8.66
CA SER B 158 -0.99 5.26 -9.09
C SER B 158 -0.40 3.86 -9.28
N GLU B 159 -0.57 2.99 -8.27
CA GLU B 159 -0.07 1.64 -8.41
C GLU B 159 -0.76 0.89 -9.52
N ALA B 160 -2.07 1.11 -9.70
CA ALA B 160 -2.81 0.37 -10.72
C ALA B 160 -2.28 0.70 -12.11
N VAL B 161 -2.07 1.99 -12.37
CA VAL B 161 -1.58 2.38 -13.68
C VAL B 161 -0.15 1.88 -13.87
N LEU B 162 0.67 1.94 -12.83
CA LEU B 162 2.01 1.34 -12.93
C LEU B 162 1.92 -0.14 -13.29
N VAL B 163 0.98 -0.87 -12.69
CA VAL B 163 0.89 -2.31 -12.94
C VAL B 163 0.54 -2.57 -14.40
N VAL B 164 -0.46 -1.88 -14.92
CA VAL B 164 -0.83 -2.18 -16.31
C VAL B 164 0.20 -1.65 -17.29
N LEU B 165 0.86 -0.53 -16.97
CA LEU B 165 1.93 -0.05 -17.84
C LEU B 165 3.04 -1.10 -17.91
N ILE B 166 3.38 -1.70 -16.77
CA ILE B 166 4.38 -2.76 -16.74
C ILE B 166 3.94 -3.95 -17.58
N ALA B 167 2.68 -4.38 -17.40
CA ALA B 167 2.20 -5.53 -18.15
C ALA B 167 2.30 -5.29 -19.64
N ALA B 168 1.85 -4.11 -20.08
CA ALA B 168 1.90 -3.78 -21.51
C ALA B 168 3.35 -3.72 -22.01
N ARG B 169 4.22 -3.06 -21.26
CA ARG B 169 5.63 -2.96 -21.65
C ARG B 169 6.26 -4.33 -21.84
N ASP B 170 6.06 -5.23 -20.88
CA ASP B 170 6.68 -6.55 -20.98
C ASP B 170 6.06 -7.37 -22.09
N LYS B 171 4.74 -7.27 -22.27
CA LYS B 171 4.10 -7.94 -23.39
C LYS B 171 4.73 -7.54 -24.71
N VAL B 172 5.07 -6.25 -24.86
CA VAL B 172 5.70 -5.80 -26.09
C VAL B 172 7.15 -6.29 -26.17
N LEU B 173 7.89 -6.16 -25.07
CA LEU B 173 9.34 -6.41 -25.11
C LEU B 173 9.65 -7.89 -25.31
N ARG B 174 8.91 -8.78 -24.65
CA ARG B 174 9.21 -10.19 -24.86
C ARG B 174 8.78 -10.66 -26.24
N SER B 175 8.06 -9.83 -26.99
CA SER B 175 7.76 -10.09 -28.39
C SER B 175 8.80 -9.49 -29.34
N VAL B 176 9.29 -8.28 -29.05
CA VAL B 176 10.24 -7.59 -29.94
C VAL B 176 11.66 -7.51 -29.38
N GLY B 177 11.86 -7.80 -28.11
CA GLY B 177 13.18 -7.75 -27.50
C GLY B 177 13.33 -6.54 -26.61
N LYS B 178 14.13 -6.69 -25.54
CA LYS B 178 14.22 -5.63 -24.55
C LYS B 178 14.86 -4.37 -25.12
N ASN B 179 15.73 -4.52 -26.10
CA ASN B 179 16.38 -3.36 -26.71
C ASN B 179 15.38 -2.40 -27.35
N ALA B 180 14.12 -2.82 -27.51
CA ALA B 180 13.11 -1.95 -28.09
C ALA B 180 12.51 -0.97 -27.08
N LEU B 181 12.96 -1.00 -25.81
CA LEU B 181 12.38 -0.09 -24.83
C LEU B 181 12.48 1.36 -25.29
N GLU B 182 13.60 1.73 -25.93
CA GLU B 182 13.79 3.12 -26.35
C GLU B 182 12.78 3.58 -27.39
N LYS B 183 11.98 2.67 -27.96
CA LYS B 183 11.03 3.03 -29.00
C LYS B 183 9.58 3.01 -28.54
N LEU B 184 9.30 2.59 -27.32
CA LEU B 184 7.93 2.49 -26.83
C LEU B 184 7.34 3.86 -26.55
N VAL B 185 6.14 4.12 -27.07
CA VAL B 185 5.48 5.42 -26.95
C VAL B 185 4.22 5.27 -26.10
N VAL B 186 4.06 6.20 -25.16
CA VAL B 186 2.90 6.30 -24.28
C VAL B 186 2.13 7.55 -24.68
N TYR B 187 0.80 7.46 -24.67
CA TYR B 187 -0.07 8.55 -25.08
C TYR B 187 -1.05 8.89 -23.97
N SER B 188 -1.29 10.18 -23.79
CA SER B 188 -2.33 10.63 -22.87
C SER B 188 -2.60 12.10 -23.14
N SER B 189 -3.72 12.61 -22.63
CA SER B 189 -3.99 14.03 -22.77
C SER B 189 -3.22 14.81 -21.69
N ASP B 190 -3.16 16.13 -21.86
CA ASP B 190 -2.50 17.00 -20.90
C ASP B 190 -3.32 17.23 -19.64
N GLN B 191 -4.45 16.54 -19.52
CA GLN B 191 -5.25 16.50 -18.31
C GLN B 191 -5.01 15.25 -17.49
N THR B 192 -4.15 14.33 -17.96
CA THR B 192 -3.99 13.05 -17.30
C THR B 192 -3.24 13.21 -15.98
N HIS B 193 -3.70 12.50 -14.96
CA HIS B 193 -3.05 12.58 -13.66
C HIS B 193 -1.56 12.30 -13.77
N SER B 194 -0.78 12.91 -12.88
CA SER B 194 0.66 12.72 -12.92
C SER B 194 1.07 11.27 -12.66
N ALA B 195 0.16 10.42 -12.17
CA ALA B 195 0.50 9.01 -11.94
C ALA B 195 1.04 8.36 -13.21
N LEU B 196 0.50 8.73 -14.37
CA LEU B 196 0.99 8.13 -15.62
C LEU B 196 2.46 8.47 -15.85
N GLN B 197 2.83 9.73 -15.66
CA GLN B 197 4.22 10.13 -15.84
C GLN B 197 5.13 9.44 -14.82
N LYS B 198 4.70 9.34 -13.57
CA LYS B 198 5.52 8.67 -12.58
C LYS B 198 5.70 7.19 -12.92
N ALA B 199 4.65 6.55 -13.44
CA ALA B 199 4.76 5.16 -13.86
C ALA B 199 5.72 5.02 -15.04
N CYS B 200 5.63 5.93 -16.01
CA CYS B 200 6.54 5.90 -17.14
C CYS B 200 7.99 6.02 -16.66
N GLN B 201 8.24 6.91 -15.71
CA GLN B 201 9.59 7.04 -15.18
C GLN B 201 10.03 5.73 -14.52
N ILE B 202 9.18 5.16 -13.67
CA ILE B 202 9.57 3.93 -12.97
C ILE B 202 9.83 2.80 -13.97
N ALA B 203 9.00 2.69 -15.00
CA ALA B 203 9.04 1.59 -15.95
C ALA B 203 10.10 1.76 -17.03
N GLY B 204 10.83 2.88 -17.05
CA GLY B 204 11.91 3.03 -17.99
C GLY B 204 11.50 3.59 -19.33
N ILE B 205 10.26 4.05 -19.49
CA ILE B 205 9.87 4.69 -20.74
C ILE B 205 10.72 5.94 -20.93
N HIS B 206 11.21 6.14 -22.13
CA HIS B 206 12.04 7.32 -22.35
C HIS B 206 11.18 8.57 -22.32
N PRO B 207 11.66 9.65 -21.68
CA PRO B 207 10.84 10.86 -21.54
C PRO B 207 10.34 11.43 -22.86
N GLU B 208 11.19 11.45 -23.90
CA GLU B 208 10.78 11.99 -25.20
C GLU B 208 9.69 11.17 -25.89
N ASN B 209 9.36 10.00 -25.36
CA ASN B 209 8.33 9.13 -25.93
C ASN B 209 7.06 9.12 -25.09
N CYS B 210 6.83 10.17 -24.31
CA CYS B 210 5.56 10.41 -23.62
C CYS B 210 4.83 11.54 -24.33
N ARG B 211 3.85 11.19 -25.16
CA ARG B 211 3.05 12.15 -25.90
C ARG B 211 1.92 12.65 -25.00
N VAL B 212 2.09 13.86 -24.46
CA VAL B 212 1.02 14.56 -23.75
C VAL B 212 0.33 15.43 -24.80
N LEU B 213 -0.85 15.00 -25.24
CA LEU B 213 -1.60 15.66 -26.30
C LEU B 213 -2.48 16.77 -25.73
N THR B 214 -2.43 17.93 -26.37
CA THR B 214 -3.11 19.11 -25.86
C THR B 214 -4.63 18.99 -26.04
N THR B 215 -5.35 19.57 -25.09
CA THR B 215 -6.80 19.72 -25.15
C THR B 215 -7.15 21.16 -24.79
N ASP B 216 -8.35 21.58 -25.20
CA ASP B 216 -8.80 22.94 -24.92
C ASP B 216 -10.30 22.92 -24.68
N SER B 217 -10.89 24.11 -24.53
CA SER B 217 -12.29 24.23 -24.17
C SER B 217 -13.22 23.77 -25.29
N SER B 218 -12.74 23.68 -26.53
CA SER B 218 -13.62 23.30 -27.64
C SER B 218 -14.20 21.91 -27.46
N THR B 219 -13.48 21.03 -26.76
CA THR B 219 -13.99 19.69 -26.44
C THR B 219 -14.18 19.52 -24.93
N ASN B 220 -14.25 20.61 -24.18
CA ASN B 220 -14.31 20.58 -22.73
C ASN B 220 -13.11 19.80 -22.15
N TYR B 221 -11.94 20.01 -22.76
CA TYR B 221 -10.68 19.42 -22.32
C TYR B 221 -10.69 17.90 -22.40
N ALA B 222 -11.56 17.35 -23.24
CA ALA B 222 -11.53 15.95 -23.59
C ALA B 222 -10.58 15.72 -24.75
N LEU B 223 -9.89 14.59 -24.73
CA LEU B 223 -8.91 14.27 -25.75
C LEU B 223 -9.60 14.09 -27.11
N ARG B 224 -9.07 14.76 -28.12
CA ARG B 224 -9.61 14.66 -29.47
C ARG B 224 -9.04 13.42 -30.15
N PRO B 225 -9.87 12.47 -30.59
CA PRO B 225 -9.33 11.23 -31.18
C PRO B 225 -8.43 11.46 -32.38
N GLU B 226 -8.76 12.44 -33.23
CA GLU B 226 -7.96 12.65 -34.43
C GLU B 226 -6.51 13.03 -34.09
N SER B 227 -6.31 13.76 -33.00
CA SER B 227 -4.94 14.09 -32.60
C SER B 227 -4.19 12.86 -32.12
N LEU B 228 -4.88 11.94 -31.43
CA LEU B 228 -4.25 10.67 -31.12
C LEU B 228 -3.86 9.93 -32.40
N GLN B 229 -4.77 9.88 -33.37
CA GLN B 229 -4.49 9.19 -34.63
C GLN B 229 -3.27 9.78 -35.32
N GLU B 230 -3.22 11.11 -35.38
CA GLU B 230 -2.08 11.77 -36.01
C GLU B 230 -0.79 11.44 -35.28
N ALA B 231 -0.80 11.51 -33.95
CA ALA B 231 0.40 11.21 -33.19
C ALA B 231 0.87 9.79 -33.44
N VAL B 232 -0.07 8.84 -33.49
CA VAL B 232 0.28 7.44 -33.70
C VAL B 232 0.85 7.22 -35.09
N SER B 233 0.25 7.84 -36.10
CA SER B 233 0.77 7.66 -37.46
C SER B 233 2.15 8.27 -37.60
N ARG B 234 2.36 9.44 -37.00
CA ARG B 234 3.66 10.09 -37.05
C ARG B 234 4.71 9.26 -36.31
N ASP B 235 4.32 8.61 -35.21
CA ASP B 235 5.26 7.78 -34.48
C ASP B 235 5.59 6.50 -35.24
N LEU B 236 4.57 5.87 -35.85
CA LEU B 236 4.82 4.69 -36.67
C LEU B 236 5.76 5.02 -37.81
N GLU B 237 5.49 6.12 -38.53
CA GLU B 237 6.35 6.49 -39.64
C GLU B 237 7.78 6.75 -39.19
N ALA B 238 7.97 7.20 -37.94
CA ALA B 238 9.28 7.50 -37.42
C ALA B 238 9.96 6.31 -36.76
N GLY B 239 9.41 5.10 -36.93
CA GLY B 239 9.98 3.90 -36.36
C GLY B 239 9.69 3.66 -34.89
N LEU B 240 8.77 4.41 -34.29
CA LEU B 240 8.44 4.22 -32.89
C LEU B 240 7.32 3.20 -32.74
N ILE B 241 7.21 2.63 -31.54
CA ILE B 241 6.24 1.58 -31.27
C ILE B 241 5.20 2.12 -30.27
N PRO B 242 4.05 2.58 -30.74
CA PRO B 242 2.99 2.96 -29.80
C PRO B 242 2.60 1.74 -28.99
N PHE B 243 2.50 1.90 -27.66
CA PHE B 243 2.14 0.72 -26.88
C PHE B 243 1.19 1.00 -25.73
N PHE B 244 0.96 2.24 -25.30
CA PHE B 244 0.11 2.47 -24.14
C PHE B 244 -0.65 3.77 -24.31
N LEU B 245 -1.94 3.73 -23.97
CA LEU B 245 -2.79 4.90 -24.01
C LEU B 245 -3.58 4.96 -22.72
N CYS B 246 -3.64 6.15 -22.11
CA CYS B 246 -4.42 6.39 -20.91
C CYS B 246 -5.54 7.38 -21.25
N ALA B 247 -6.78 6.93 -21.14
CA ALA B 247 -7.92 7.83 -21.28
C ALA B 247 -8.47 8.12 -19.89
N ASN B 248 -8.95 9.35 -19.69
CA ASN B 248 -9.49 9.77 -18.40
C ASN B 248 -11.01 9.86 -18.45
N VAL B 249 -11.67 9.32 -17.43
CA VAL B 249 -13.09 9.53 -17.17
C VAL B 249 -13.17 10.27 -15.85
N GLY B 250 -13.23 11.60 -15.91
CA GLY B 250 -13.21 12.40 -14.70
C GLY B 250 -11.83 12.90 -14.31
N THR B 251 -11.29 13.85 -15.07
CA THR B 251 -9.97 14.40 -14.76
C THR B 251 -9.96 15.10 -13.41
N THR B 252 -8.78 15.16 -12.79
CA THR B 252 -8.70 15.76 -11.48
C THR B 252 -9.00 17.26 -11.53
N SER B 253 -8.62 17.93 -12.62
CA SER B 253 -8.86 19.38 -12.71
C SER B 253 -10.35 19.68 -12.82
N SER B 254 -10.98 19.24 -13.90
CA SER B 254 -12.32 19.70 -14.26
C SER B 254 -13.29 18.56 -14.53
N THR B 255 -13.00 17.37 -14.04
CA THR B 255 -13.87 16.21 -14.25
C THR B 255 -14.23 16.07 -15.73
N ALA B 256 -13.23 16.25 -16.59
CA ALA B 256 -13.41 16.03 -18.02
C ALA B 256 -13.52 14.55 -18.32
N VAL B 257 -14.19 14.22 -19.42
CA VAL B 257 -14.46 12.84 -19.82
C VAL B 257 -14.02 12.66 -21.26
N ASP B 258 -13.12 11.66 -21.50
CA ASP B 258 -12.58 11.35 -22.82
C ASP B 258 -13.51 10.41 -23.58
N PRO B 259 -13.53 10.49 -24.93
CA PRO B 259 -14.42 9.62 -25.72
C PRO B 259 -13.86 8.21 -25.89
N LEU B 260 -14.30 7.29 -25.02
CA LEU B 260 -13.63 6.00 -24.93
C LEU B 260 -13.77 5.16 -26.20
N ALA B 261 -14.91 5.25 -26.90
CA ALA B 261 -15.15 4.38 -28.05
C ALA B 261 -14.13 4.63 -29.18
N ALA B 262 -14.01 5.87 -29.63
CA ALA B 262 -13.13 6.15 -30.77
C ALA B 262 -11.65 5.99 -30.39
N LEU B 263 -11.28 6.42 -29.19
CA LEU B 263 -9.93 6.19 -28.72
C LEU B 263 -9.61 4.71 -28.68
N GLY B 264 -10.52 3.89 -28.15
CA GLY B 264 -10.27 2.47 -28.07
C GLY B 264 -10.24 1.82 -29.44
N LYS B 265 -11.05 2.31 -30.38
CA LYS B 265 -10.93 1.87 -31.77
C LYS B 265 -9.50 2.04 -32.25
N ILE B 266 -8.95 3.24 -32.08
CA ILE B 266 -7.58 3.49 -32.53
C ILE B 266 -6.60 2.55 -31.81
N ALA B 267 -6.71 2.47 -30.48
CA ALA B 267 -5.77 1.66 -29.69
C ALA B 267 -5.80 0.20 -30.11
N ASN B 268 -7.01 -0.38 -30.20
CA ASN B 268 -7.15 -1.77 -30.66
C ASN B 268 -6.54 -1.95 -32.03
N SER B 269 -6.84 -1.03 -32.97
CA SER B 269 -6.34 -1.21 -34.32
C SER B 269 -4.82 -1.15 -34.37
N ASN B 270 -4.19 -0.47 -33.40
CA ASN B 270 -2.75 -0.30 -33.45
C ASN B 270 -2.01 -1.04 -32.35
N GLY B 271 -2.65 -2.00 -31.69
CA GLY B 271 -1.98 -2.77 -30.66
C GLY B 271 -1.54 -1.96 -29.46
N ILE B 272 -2.27 -0.91 -29.13
CA ILE B 272 -1.96 -0.05 -27.98
C ILE B 272 -2.78 -0.53 -26.80
N TRP B 273 -2.11 -0.87 -25.70
CA TRP B 273 -2.82 -1.18 -24.46
C TRP B 273 -3.67 0.01 -24.04
N PHE B 274 -4.96 -0.20 -23.92
CA PHE B 274 -5.91 0.86 -23.60
C PHE B 274 -6.29 0.76 -22.12
N HIS B 275 -5.87 1.76 -21.35
CA HIS B 275 -6.20 1.88 -19.94
C HIS B 275 -7.17 3.03 -19.75
N VAL B 276 -8.23 2.78 -18.98
CA VAL B 276 -9.19 3.81 -18.62
C VAL B 276 -9.03 4.13 -17.14
N ASP B 277 -8.71 5.37 -16.84
CA ASP B 277 -8.62 5.89 -15.49
C ASP B 277 -9.91 6.64 -15.18
N ALA B 278 -10.76 6.00 -14.38
CA ALA B 278 -11.98 6.58 -13.84
C ALA B 278 -11.91 6.64 -12.33
N ALA B 279 -10.73 7.00 -11.82
CA ALA B 279 -10.43 6.87 -10.38
C ALA B 279 -11.54 7.46 -9.52
N TYR B 280 -11.95 8.70 -9.80
CA TYR B 280 -12.97 9.40 -9.03
C TYR B 280 -14.38 9.13 -9.59
N ALA B 281 -14.59 9.46 -10.86
CA ALA B 281 -15.95 9.46 -11.41
C ALA B 281 -16.51 8.06 -11.64
N GLY B 282 -15.65 7.03 -11.69
CA GLY B 282 -16.15 5.69 -11.92
C GLY B 282 -17.29 5.33 -11.00
N SER B 283 -17.23 5.76 -9.75
CA SER B 283 -18.31 5.48 -8.81
C SER B 283 -19.66 5.91 -9.37
N ALA B 284 -19.75 7.15 -9.85
CA ALA B 284 -21.03 7.64 -10.35
C ALA B 284 -21.64 6.69 -11.40
N CYS B 285 -20.80 5.93 -12.08
CA CYS B 285 -21.28 5.10 -13.19
C CYS B 285 -22.10 3.88 -12.72
N ILE B 286 -22.32 3.69 -11.41
CA ILE B 286 -23.32 2.71 -10.99
C ILE B 286 -24.73 3.21 -11.20
N CYS B 287 -24.90 4.50 -11.48
CA CYS B 287 -26.18 5.09 -11.81
C CYS B 287 -26.37 5.07 -13.33
N PRO B 288 -27.51 4.56 -13.82
CA PRO B 288 -27.69 4.49 -15.27
C PRO B 288 -27.57 5.83 -15.99
N GLU B 289 -27.94 6.94 -15.33
CA GLU B 289 -27.79 8.22 -16.00
C GLU B 289 -26.33 8.67 -16.13
N TYR B 290 -25.39 7.97 -15.51
CA TYR B 290 -23.98 8.28 -15.67
C TYR B 290 -23.16 7.15 -16.25
N ARG B 291 -23.72 5.92 -16.31
CA ARG B 291 -23.02 4.81 -16.94
C ARG B 291 -22.60 5.13 -18.36
N GLN B 292 -23.35 5.99 -19.04
CA GLN B 292 -23.01 6.47 -20.38
C GLN B 292 -21.55 6.92 -20.47
N TYR B 293 -20.98 7.41 -19.39
CA TYR B 293 -19.66 8.03 -19.48
C TYR B 293 -18.52 7.03 -19.54
N ILE B 294 -18.78 5.74 -19.33
CA ILE B 294 -17.76 4.72 -19.57
C ILE B 294 -18.15 3.82 -20.75
N ASP B 295 -19.13 4.24 -21.55
CA ASP B 295 -19.39 3.55 -22.80
C ASP B 295 -18.10 3.48 -23.62
N GLY B 296 -17.85 2.33 -24.21
CA GLY B 296 -16.60 2.11 -24.91
C GLY B 296 -15.54 1.41 -24.10
N VAL B 297 -15.74 1.27 -22.78
CA VAL B 297 -14.80 0.54 -21.95
C VAL B 297 -14.63 -0.89 -22.43
N GLU B 298 -15.62 -1.42 -23.16
CA GLU B 298 -15.49 -2.75 -23.74
C GLU B 298 -14.24 -2.89 -24.61
N THR B 299 -13.69 -1.78 -25.13
CA THR B 299 -12.45 -1.81 -25.89
C THR B 299 -11.21 -1.65 -25.02
N ALA B 300 -11.38 -1.38 -23.73
CA ALA B 300 -10.25 -1.17 -22.85
C ALA B 300 -9.61 -2.49 -22.46
N ASP B 301 -8.28 -2.50 -22.40
CA ASP B 301 -7.55 -3.61 -21.80
C ASP B 301 -7.57 -3.55 -20.28
N SER B 302 -7.81 -2.37 -19.72
CA SER B 302 -7.90 -2.28 -18.26
C SER B 302 -8.71 -1.05 -17.87
N PHE B 303 -9.23 -1.09 -16.64
CA PHE B 303 -10.16 -0.07 -16.16
C PHE B 303 -9.96 0.08 -14.67
N ASN B 304 -9.94 1.32 -14.18
CA ASN B 304 -9.58 1.52 -12.77
C ASN B 304 -10.52 2.54 -12.12
N MET B 305 -11.08 2.16 -10.97
CA MET B 305 -11.95 3.04 -10.21
C MET B 305 -11.53 3.02 -8.74
N ASN B 306 -11.48 4.18 -8.11
CA ASN B 306 -11.04 4.27 -6.72
C ASN B 306 -12.24 4.14 -5.80
N ALA B 307 -12.38 2.98 -5.15
CA ALA B 307 -13.45 2.84 -4.16
C ALA B 307 -13.23 3.75 -2.97
N HIS B 308 -11.97 4.09 -2.68
CA HIS B 308 -11.66 4.90 -1.51
C HIS B 308 -11.75 6.40 -1.79
N1 LLP B 309 -6.17 9.56 -11.27
C2 LLP B 309 -7.30 10.23 -10.99
C2' LLP B 309 -8.30 10.66 -12.12
C3 LLP B 309 -7.60 10.57 -9.64
O3 LLP B 309 -8.77 11.27 -9.35
C4 LLP B 309 -6.74 10.21 -8.62
C4' LLP B 309 -7.15 10.61 -7.11
C5 LLP B 309 -5.59 9.53 -8.90
C6 LLP B 309 -5.29 9.20 -10.23
C5' LLP B 309 -4.59 9.09 -7.75
OP4 LLP B 309 -5.28 8.33 -6.79
P LLP B 309 -4.53 7.50 -5.72
OP1 LLP B 309 -5.36 6.23 -5.48
OP2 LLP B 309 -3.19 7.13 -6.23
OP3 LLP B 309 -4.41 8.22 -4.43
N LLP B 309 -12.25 6.75 -2.98
CA LLP B 309 -12.56 8.14 -3.27
CB LLP B 309 -12.20 8.47 -4.71
CG LLP B 309 -10.75 8.94 -4.75
CD LLP B 309 -10.58 9.88 -5.95
CE LLP B 309 -9.20 10.55 -5.89
NZ LLP B 309 -8.27 9.79 -6.74
C LLP B 309 -14.01 8.39 -3.00
O LLP B 309 -14.35 8.98 -1.97
N TRP B 310 -14.88 7.93 -3.89
CA TRP B 310 -16.30 8.33 -3.83
C TRP B 310 -17.26 7.15 -3.64
N PHE B 311 -16.76 6.02 -3.15
CA PHE B 311 -17.57 4.82 -2.98
C PHE B 311 -17.56 4.34 -1.52
N LEU B 312 -17.36 5.26 -0.58
CA LEU B 312 -17.54 5.00 0.84
C LEU B 312 -16.58 3.96 1.41
N THR B 313 -15.50 3.62 0.73
CA THR B 313 -14.62 2.53 1.16
C THR B 313 -13.29 3.09 1.65
N ASN B 314 -13.11 3.10 2.97
CA ASN B 314 -11.92 3.72 3.58
C ASN B 314 -10.64 3.32 2.88
N PHE B 315 -9.74 4.30 2.71
CA PHE B 315 -8.43 4.06 2.12
C PHE B 315 -7.70 2.94 2.85
N ASP B 316 -7.08 2.02 2.11
CA ASP B 316 -6.91 2.06 0.66
C ASP B 316 -7.77 1.01 -0.04
N CYS B 317 -8.26 1.34 -1.23
CA CYS B 317 -9.06 0.37 -1.98
C CYS B 317 -9.27 0.80 -3.44
N SER B 318 -8.25 0.65 -4.28
CA SER B 318 -8.35 0.97 -5.70
C SER B 318 -8.72 -0.29 -6.47
N LEU B 319 -9.75 -0.22 -7.32
CA LEU B 319 -10.24 -1.41 -8.01
C LEU B 319 -9.74 -1.40 -9.44
N LEU B 320 -9.06 -2.47 -9.84
CA LEU B 320 -8.49 -2.59 -11.17
C LEU B 320 -9.07 -3.82 -11.84
N TRP B 321 -9.62 -3.65 -13.04
CA TRP B 321 -10.04 -4.79 -13.84
C TRP B 321 -9.18 -4.88 -15.09
N VAL B 322 -8.87 -6.11 -15.49
CA VAL B 322 -8.17 -6.37 -16.74
C VAL B 322 -8.95 -7.43 -17.50
N LYS B 323 -8.77 -7.43 -18.82
CA LYS B 323 -9.43 -8.46 -19.62
C LYS B 323 -8.56 -9.69 -19.83
N ASP B 324 -7.27 -9.62 -19.47
CA ASP B 324 -6.37 -10.77 -19.62
C ASP B 324 -5.43 -10.80 -18.41
N GLN B 325 -5.76 -11.60 -17.40
CA GLN B 325 -4.93 -11.62 -16.21
C GLN B 325 -3.53 -12.12 -16.51
N ASP B 326 -3.37 -12.91 -17.58
CA ASP B 326 -2.06 -13.46 -17.91
C ASP B 326 -1.04 -12.36 -18.18
N SER B 327 -1.47 -11.24 -18.77
CA SER B 327 -0.54 -10.12 -18.98
C SER B 327 0.09 -9.68 -17.65
N LEU B 328 -0.76 -9.43 -16.66
CA LEU B 328 -0.30 -9.04 -15.33
C LEU B 328 0.64 -10.09 -14.75
N THR B 329 0.18 -11.35 -14.69
CA THR B 329 0.95 -12.36 -13.95
C THR B 329 2.26 -12.72 -14.66
N LEU B 330 2.27 -12.74 -15.99
CA LEU B 330 3.51 -13.00 -16.71
C LEU B 330 4.49 -11.86 -16.53
N ALA B 331 4.00 -10.62 -16.41
CA ALA B 331 4.93 -9.52 -16.16
C ALA B 331 5.46 -9.53 -14.74
N LEU B 332 4.61 -9.82 -13.76
CA LEU B 332 4.93 -9.56 -12.37
C LEU B 332 5.34 -10.81 -11.58
N SER B 333 5.17 -12.00 -12.13
CA SER B 333 5.57 -13.21 -11.44
C SER B 333 7.10 -13.35 -11.42
N THR B 334 7.61 -13.90 -10.32
CA THR B 334 9.03 -14.17 -10.18
C THR B 334 9.37 -15.65 -10.33
N ASN B 335 8.40 -16.48 -10.69
CA ASN B 335 8.71 -17.90 -10.84
C ASN B 335 9.28 -18.15 -12.23
N PRO B 336 10.39 -18.89 -12.35
CA PRO B 336 11.01 -19.05 -13.68
C PRO B 336 10.26 -20.02 -14.58
N GLU B 337 9.56 -21.02 -14.03
CA GLU B 337 8.94 -22.06 -14.83
C GLU B 337 7.42 -22.09 -14.75
N PHE B 338 6.81 -21.48 -13.74
CA PHE B 338 5.36 -21.54 -13.60
C PHE B 338 4.67 -20.83 -14.76
N LEU B 339 3.73 -21.53 -15.40
CA LEU B 339 2.99 -20.97 -16.53
C LEU B 339 2.19 -19.74 -16.12
N LEU B 348 -5.74 -23.34 -12.06
CA LEU B 348 -5.20 -23.54 -10.72
C LEU B 348 -5.93 -22.64 -9.72
N VAL B 349 -5.24 -21.61 -9.20
CA VAL B 349 -5.82 -20.67 -8.27
C VAL B 349 -5.13 -19.32 -8.42
N VAL B 350 -5.80 -18.26 -7.97
CA VAL B 350 -5.30 -16.90 -8.11
C VAL B 350 -4.35 -16.61 -6.96
N ASP B 351 -3.14 -16.13 -7.29
CA ASP B 351 -2.18 -15.61 -6.32
C ASP B 351 -2.00 -14.12 -6.62
N TYR B 352 -2.60 -13.28 -5.79
CA TYR B 352 -2.70 -11.85 -6.07
C TYR B 352 -1.35 -11.16 -5.97
N LYS B 353 -0.35 -11.81 -5.36
CA LYS B 353 1.01 -11.25 -5.39
C LYS B 353 1.46 -11.02 -6.83
N ASP B 354 1.00 -11.86 -7.75
CA ASP B 354 1.36 -11.75 -9.15
C ASP B 354 0.56 -10.69 -9.90
N TRP B 355 -0.34 -9.97 -9.22
CA TRP B 355 -1.09 -8.88 -9.84
C TRP B 355 -0.67 -7.50 -9.33
N GLN B 356 0.35 -7.41 -8.48
CA GLN B 356 0.61 -6.19 -7.74
C GLN B 356 2.12 -6.04 -7.54
N ILE B 357 2.52 -4.91 -6.98
CA ILE B 357 3.93 -4.63 -6.71
C ILE B 357 4.36 -5.27 -5.40
N PRO B 358 3.66 -5.03 -4.29
CA PRO B 358 4.06 -5.62 -3.01
C PRO B 358 3.97 -7.14 -3.02
N LEU B 359 4.54 -7.75 -1.98
CA LEU B 359 4.31 -9.18 -1.76
C LEU B 359 3.09 -9.38 -0.86
N GLY B 360 3.14 -8.84 0.36
CA GLY B 360 2.02 -8.96 1.27
C GLY B 360 0.88 -8.05 0.91
N ARG B 361 -0.27 -8.35 1.51
CA ARG B 361 -1.48 -7.56 1.35
C ARG B 361 -2.43 -7.94 2.47
N ARG B 362 -3.19 -6.96 2.93
CA ARG B 362 -4.11 -7.19 4.03
C ARG B 362 -5.50 -7.47 3.47
N PHE B 363 -6.43 -7.77 4.37
CA PHE B 363 -7.75 -8.28 3.99
C PHE B 363 -8.68 -7.14 3.54
N ARG B 364 -8.26 -6.46 2.46
CA ARG B 364 -8.97 -5.25 2.05
C ARG B 364 -10.34 -5.54 1.45
N SER B 365 -10.59 -6.77 1.00
CA SER B 365 -11.91 -7.03 0.43
C SER B 365 -13.00 -7.00 1.49
N LEU B 366 -12.64 -7.13 2.76
CA LEU B 366 -13.63 -7.10 3.84
C LEU B 366 -14.38 -5.77 3.88
N LYS B 367 -13.64 -4.64 3.83
CA LYS B 367 -14.33 -3.36 3.93
C LYS B 367 -15.23 -3.10 2.73
N LEU B 368 -14.81 -3.54 1.54
CA LEU B 368 -15.66 -3.37 0.36
C LEU B 368 -16.91 -4.24 0.45
N TRP B 369 -16.74 -5.50 0.86
CA TRP B 369 -17.87 -6.39 1.07
C TRP B 369 -18.86 -5.77 2.05
N MET B 370 -18.36 -5.21 3.15
CA MET B 370 -19.24 -4.64 4.16
C MET B 370 -19.90 -3.35 3.72
N VAL B 371 -19.20 -2.50 2.97
CA VAL B 371 -19.85 -1.32 2.40
C VAL B 371 -21.01 -1.77 1.53
N LEU B 372 -20.74 -2.69 0.58
CA LEU B 372 -21.76 -3.16 -0.33
C LEU B 372 -22.95 -3.77 0.43
N ARG B 373 -22.68 -4.63 1.42
CA ARG B 373 -23.78 -5.32 2.11
C ARG B 373 -24.56 -4.40 3.03
N LEU B 374 -23.86 -3.60 3.86
CA LEU B 374 -24.54 -2.77 4.84
C LEU B 374 -25.24 -1.57 4.21
N TYR B 375 -24.89 -1.20 2.98
CA TYR B 375 -25.60 -0.09 2.36
C TYR B 375 -26.53 -0.51 1.24
N GLY B 376 -26.12 -1.43 0.35
CA GLY B 376 -27.00 -1.71 -0.76
C GLY B 376 -26.71 -0.82 -1.95
N SER B 377 -26.88 -1.39 -3.15
CA SER B 377 -26.68 -0.60 -4.35
C SER B 377 -27.64 0.60 -4.39
N GLU B 378 -28.85 0.44 -3.87
CA GLU B 378 -29.80 1.55 -3.90
C GLU B 378 -29.29 2.72 -3.05
N THR B 379 -28.84 2.44 -1.84
CA THR B 379 -28.31 3.49 -0.98
C THR B 379 -27.06 4.11 -1.58
N LEU B 380 -26.18 3.31 -2.17
CA LEU B 380 -24.98 3.88 -2.79
C LEU B 380 -25.35 4.82 -3.94
N LYS B 381 -26.35 4.43 -4.74
CA LYS B 381 -26.82 5.31 -5.81
C LYS B 381 -27.35 6.62 -5.25
N SER B 382 -28.23 6.55 -4.23
CA SER B 382 -28.77 7.79 -3.66
C SER B 382 -27.66 8.66 -3.07
N TYR B 383 -26.62 8.06 -2.52
CA TYR B 383 -25.52 8.84 -1.96
C TYR B 383 -24.78 9.62 -3.04
N ILE B 384 -24.40 8.93 -4.13
CA ILE B 384 -23.80 9.62 -5.27
C ILE B 384 -24.71 10.75 -5.76
N ARG B 385 -26.02 10.45 -5.90
CA ARG B 385 -26.94 11.43 -6.44
C ARG B 385 -27.10 12.62 -5.51
N ASN B 386 -27.04 12.40 -4.19
CA ASN B 386 -27.15 13.52 -3.26
C ASN B 386 -25.95 14.44 -3.39
N HIS B 387 -24.75 13.87 -3.52
CA HIS B 387 -23.59 14.73 -3.70
C HIS B 387 -23.67 15.51 -5.01
N ILE B 388 -24.17 14.87 -6.08
CA ILE B 388 -24.30 15.57 -7.35
C ILE B 388 -25.34 16.70 -7.25
N LYS B 389 -26.44 16.47 -6.52
CA LYS B 389 -27.44 17.51 -6.35
C LYS B 389 -26.90 18.69 -5.54
N LEU B 390 -26.13 18.41 -4.49
CA LEU B 390 -25.48 19.49 -3.74
C LEU B 390 -24.55 20.29 -4.65
N ALA B 391 -23.82 19.61 -5.53
CA ALA B 391 -22.96 20.33 -6.45
C ALA B 391 -23.77 21.19 -7.41
N LYS B 392 -24.95 20.71 -7.82
CA LYS B 392 -25.83 21.49 -8.69
C LYS B 392 -26.34 22.75 -7.99
N GLU B 393 -26.70 22.63 -6.71
CA GLU B 393 -27.10 23.80 -5.94
C GLU B 393 -25.96 24.81 -5.83
N PHE B 394 -24.75 24.33 -5.55
CA PHE B 394 -23.60 25.22 -5.48
C PHE B 394 -23.36 25.93 -6.81
N GLU B 395 -23.51 25.20 -7.92
CA GLU B 395 -23.34 25.82 -9.23
C GLU B 395 -24.35 26.94 -9.44
N GLN B 396 -25.63 26.68 -9.11
N GLN B 396 -25.62 26.69 -9.12
CA GLN B 396 -26.63 27.73 -9.22
CA GLN B 396 -26.64 27.72 -9.21
C GLN B 396 -26.24 28.94 -8.38
C GLN B 396 -26.24 28.94 -8.38
N LEU B 397 -25.79 28.70 -7.13
CA LEU B 397 -25.38 29.79 -6.27
C LEU B 397 -24.28 30.63 -6.91
N VAL B 398 -23.27 29.98 -7.51
CA VAL B 398 -22.20 30.72 -8.16
C VAL B 398 -22.76 31.53 -9.32
N SER B 399 -23.59 30.89 -10.16
CA SER B 399 -24.13 31.55 -11.33
C SER B 399 -24.97 32.76 -10.99
N GLN B 400 -25.52 32.80 -9.77
CA GLN B 400 -26.33 33.97 -9.38
C GLN B 400 -25.48 35.17 -8.96
N ASP B 401 -24.18 35.00 -8.75
CA ASP B 401 -23.32 36.11 -8.35
C ASP B 401 -22.54 36.63 -9.55
N PRO B 402 -22.72 37.90 -9.94
CA PRO B 402 -22.05 38.39 -11.15
C PRO B 402 -20.54 38.51 -11.02
N ASN B 403 -20.01 38.60 -9.81
CA ASN B 403 -18.57 38.69 -9.62
C ASN B 403 -17.83 37.40 -9.94
N PHE B 404 -18.56 36.30 -10.15
CA PHE B 404 -17.98 34.99 -10.42
C PHE B 404 -18.44 34.49 -11.78
N GLU B 405 -17.88 33.35 -12.19
CA GLU B 405 -18.25 32.69 -13.43
C GLU B 405 -17.95 31.20 -13.32
N ILE B 406 -18.77 30.39 -13.99
CA ILE B 406 -18.51 28.96 -14.14
C ILE B 406 -17.55 28.77 -15.29
N VAL B 407 -16.48 28.01 -15.06
CA VAL B 407 -15.40 27.88 -16.03
C VAL B 407 -15.63 26.73 -17.01
N THR B 408 -16.13 25.59 -16.51
CA THR B 408 -16.39 24.40 -17.28
C THR B 408 -17.71 23.78 -16.83
N PRO B 409 -18.42 23.11 -17.71
CA PRO B 409 -19.70 22.49 -17.32
C PRO B 409 -19.50 21.48 -16.19
N ARG B 410 -20.47 21.46 -15.27
CA ARG B 410 -20.46 20.52 -14.16
C ARG B 410 -21.19 19.24 -14.55
N ILE B 411 -20.50 18.10 -14.43
CA ILE B 411 -21.06 16.80 -14.77
C ILE B 411 -21.34 15.95 -13.54
N PHE B 412 -20.50 16.07 -12.52
CA PHE B 412 -20.67 15.27 -11.30
C PHE B 412 -20.77 16.17 -10.08
N ALA B 413 -19.94 15.92 -9.07
CA ALA B 413 -19.98 16.69 -7.84
C ALA B 413 -18.85 17.72 -7.76
N LEU B 414 -18.23 18.08 -8.88
CA LEU B 414 -17.17 19.09 -8.89
C LEU B 414 -17.61 20.31 -9.69
N VAL B 415 -17.52 21.49 -9.06
CA VAL B 415 -17.81 22.77 -9.72
C VAL B 415 -16.51 23.54 -9.86
N CYS B 416 -16.16 23.90 -11.08
CA CYS B 416 -15.01 24.75 -11.35
C CYS B 416 -15.52 26.15 -11.62
N PHE B 417 -14.95 27.14 -10.93
CA PHE B 417 -15.40 28.53 -11.04
C PHE B 417 -14.20 29.43 -10.82
N ARG B 418 -14.44 30.74 -10.82
CA ARG B 418 -13.41 31.72 -10.48
C ARG B 418 -14.02 33.12 -10.42
N LEU B 419 -13.34 34.00 -9.70
CA LEU B 419 -13.66 35.42 -9.77
C LEU B 419 -13.26 35.96 -11.15
N VAL B 420 -14.15 36.74 -11.73
CA VAL B 420 -13.84 37.32 -13.05
C VAL B 420 -12.81 38.42 -12.88
N PRO B 421 -11.75 38.47 -13.69
CA PRO B 421 -10.82 39.60 -13.61
C PRO B 421 -11.53 40.90 -13.97
N VAL B 422 -11.16 41.97 -13.29
CA VAL B 422 -11.73 43.30 -13.52
C VAL B 422 -10.59 44.29 -13.68
N LYS B 423 -10.67 45.13 -14.70
CA LYS B 423 -9.66 46.16 -14.97
C LYS B 423 -10.03 47.39 -14.17
N ASP B 424 -9.43 47.53 -12.99
CA ASP B 424 -9.68 48.68 -12.10
C ASP B 424 -8.65 49.76 -12.42
N GLU B 425 -9.08 50.77 -13.17
CA GLU B 425 -8.24 51.93 -13.46
C GLU B 425 -6.90 51.52 -14.07
N CYS B 429 -7.66 43.37 -14.96
CA CYS B 429 -6.20 43.49 -14.92
C CYS B 429 -5.61 42.55 -13.87
N ASN B 430 -6.20 42.58 -12.68
CA ASN B 430 -5.77 41.79 -11.55
C ASN B 430 -6.52 40.45 -11.48
N ASN B 431 -5.82 39.41 -11.02
CA ASN B 431 -6.44 38.10 -10.83
C ASN B 431 -6.44 37.79 -9.34
N ARG B 432 -7.59 38.00 -8.71
CA ARG B 432 -7.77 37.83 -7.26
C ARG B 432 -7.84 36.37 -6.81
N ASN B 433 -8.01 35.42 -7.74
CA ASN B 433 -8.44 34.08 -7.36
C ASN B 433 -7.52 33.40 -6.36
N ARG B 434 -6.19 33.52 -6.54
CA ARG B 434 -5.29 32.89 -5.58
C ARG B 434 -5.45 33.52 -4.19
N GLU B 435 -5.58 34.84 -4.14
CA GLU B 435 -5.81 35.52 -2.86
C GLU B 435 -7.12 35.07 -2.21
N LEU B 436 -8.19 34.98 -3.00
CA LEU B 436 -9.47 34.52 -2.46
C LEU B 436 -9.35 33.11 -1.89
N LEU B 437 -8.71 32.21 -2.63
CA LEU B 437 -8.57 30.85 -2.13
C LEU B 437 -7.78 30.83 -0.84
N ASP B 438 -6.69 31.61 -0.77
CA ASP B 438 -5.86 31.63 0.44
C ASP B 438 -6.64 32.18 1.62
N ALA B 439 -7.40 33.25 1.42
CA ALA B 439 -8.20 33.81 2.51
C ALA B 439 -9.25 32.81 2.98
N VAL B 440 -9.94 32.16 2.05
CA VAL B 440 -10.97 31.19 2.41
C VAL B 440 -10.37 30.04 3.21
N ASN B 441 -9.28 29.45 2.70
CA ASN B 441 -8.67 28.32 3.39
C ASN B 441 -8.13 28.72 4.76
N SER B 442 -7.59 29.94 4.89
CA SER B 442 -7.09 30.39 6.18
C SER B 442 -8.20 30.75 7.14
N SER B 443 -9.41 31.04 6.65
CA SER B 443 -10.54 31.24 7.55
C SER B 443 -10.78 30.03 8.44
N GLY B 444 -10.41 28.83 7.97
CA GLY B 444 -10.66 27.60 8.69
C GLY B 444 -12.07 27.08 8.61
N LYS B 445 -12.98 27.79 7.96
CA LYS B 445 -14.37 27.34 7.89
C LYS B 445 -14.58 26.31 6.79
N LEU B 446 -13.70 26.26 5.81
CA LEU B 446 -13.80 25.29 4.71
C LEU B 446 -12.43 25.16 4.08
N PHE B 447 -12.32 24.19 3.17
CA PHE B 447 -11.09 23.94 2.44
C PHE B 447 -11.42 23.60 0.99
N MET B 448 -10.78 24.31 0.07
CA MET B 448 -10.90 24.02 -1.36
C MET B 448 -9.53 24.12 -1.97
N SER B 449 -9.39 23.54 -3.16
CA SER B 449 -8.14 23.60 -3.89
C SER B 449 -8.38 24.25 -5.24
N HIS B 450 -7.29 24.50 -5.95
CA HIS B 450 -7.32 25.14 -7.25
C HIS B 450 -6.64 24.24 -8.27
N THR B 451 -6.81 24.61 -9.54
CA THR B 451 -6.12 23.98 -10.64
C THR B 451 -5.90 25.04 -11.71
N ALA B 452 -5.44 24.62 -12.88
CA ALA B 452 -5.25 25.53 -14.00
C ALA B 452 -5.78 24.90 -15.26
N LEU B 453 -6.59 25.66 -16.00
CA LEU B 453 -7.10 25.27 -17.30
C LEU B 453 -6.60 26.26 -18.34
N SER B 454 -5.96 25.73 -19.38
CA SER B 454 -5.44 26.56 -20.47
C SER B 454 -4.60 27.70 -19.91
N GLY B 455 -3.94 27.47 -18.77
CA GLY B 455 -3.03 28.42 -18.21
C GLY B 455 -3.62 29.35 -17.17
N LYS B 456 -4.94 29.46 -17.09
CA LYS B 456 -5.55 30.37 -16.13
C LYS B 456 -6.04 29.59 -14.90
N ILE B 457 -5.94 30.26 -13.75
CA ILE B 457 -6.26 29.61 -12.48
C ILE B 457 -7.76 29.38 -12.37
N VAL B 458 -8.13 28.31 -11.67
CA VAL B 458 -9.52 27.91 -11.53
C VAL B 458 -9.72 27.39 -10.11
N LEU B 459 -10.74 27.89 -9.42
CA LEU B 459 -11.08 27.39 -8.10
C LEU B 459 -12.02 26.18 -8.24
N ARG B 460 -11.87 25.24 -7.31
CA ARG B 460 -12.64 24.00 -7.34
C ARG B 460 -13.45 23.82 -6.07
N CYS B 461 -14.67 23.32 -6.24
CA CYS B 461 -15.50 22.88 -5.13
C CYS B 461 -15.96 21.45 -5.43
N ALA B 462 -15.36 20.48 -4.76
CA ALA B 462 -15.67 19.07 -4.96
C ALA B 462 -16.42 18.59 -3.73
N ILE B 463 -17.73 18.38 -3.90
CA ILE B 463 -18.60 17.95 -2.81
C ILE B 463 -18.49 16.42 -2.74
N GLY B 464 -17.95 15.91 -1.63
CA GLY B 464 -17.76 14.47 -1.54
C GLY B 464 -17.79 13.84 -0.16
N ALA B 465 -17.73 14.64 0.90
CA ALA B 465 -17.71 14.08 2.24
C ALA B 465 -19.09 13.55 2.62
N PRO B 466 -19.17 12.37 3.25
CA PRO B 466 -20.49 11.85 3.64
C PRO B 466 -21.26 12.79 4.56
N LEU B 467 -20.57 13.55 5.40
CA LEU B 467 -21.28 14.41 6.34
C LEU B 467 -21.83 15.68 5.71
N THR B 468 -21.38 16.03 4.52
CA THR B 468 -21.76 17.31 3.92
C THR B 468 -23.27 17.37 3.67
N GLU B 469 -23.89 18.46 4.12
CA GLU B 469 -25.30 18.75 3.89
C GLU B 469 -25.43 20.07 3.14
N GLU B 470 -26.67 20.38 2.74
CA GLU B 470 -26.92 21.62 2.01
C GLU B 470 -26.58 22.85 2.84
N LYS B 471 -26.73 22.76 4.16
CA LYS B 471 -26.35 23.87 5.04
C LYS B 471 -24.87 24.20 4.87
N HIS B 472 -24.01 23.19 4.80
CA HIS B 472 -22.58 23.42 4.69
C HIS B 472 -22.22 24.03 3.35
N VAL B 473 -22.88 23.59 2.27
CA VAL B 473 -22.63 24.17 0.96
C VAL B 473 -23.04 25.64 0.93
N LYS B 474 -24.21 25.96 1.49
CA LYS B 474 -24.64 27.35 1.55
C LYS B 474 -23.67 28.20 2.37
N GLU B 475 -23.25 27.71 3.53
CA GLU B 475 -22.33 28.47 4.36
C GLU B 475 -20.99 28.67 3.66
N ALA B 476 -20.51 27.64 2.95
CA ALA B 476 -19.26 27.79 2.22
C ALA B 476 -19.39 28.86 1.14
N TRP B 477 -20.51 28.86 0.41
CA TRP B 477 -20.69 29.88 -0.62
C TRP B 477 -20.76 31.27 -0.01
N LYS B 478 -21.44 31.41 1.13
CA LYS B 478 -21.53 32.70 1.78
C LYS B 478 -20.16 33.20 2.21
N ILE B 479 -19.33 32.32 2.77
CA ILE B 479 -17.98 32.71 3.17
C ILE B 479 -17.15 33.12 1.97
N ILE B 480 -17.26 32.35 0.87
CA ILE B 480 -16.52 32.71 -0.33
C ILE B 480 -16.94 34.08 -0.82
N GLN B 481 -18.25 34.36 -0.81
CA GLN B 481 -18.73 35.67 -1.25
C GLN B 481 -18.18 36.78 -0.38
N GLU B 482 -18.22 36.60 0.94
CA GLU B 482 -17.71 37.63 1.85
C GLU B 482 -16.23 37.88 1.61
N GLU B 483 -15.46 36.81 1.41
CA GLU B 483 -14.03 36.96 1.21
C GLU B 483 -13.73 37.69 -0.10
N ALA B 484 -14.46 37.32 -1.18
CA ALA B 484 -14.30 38.03 -2.45
C ALA B 484 -14.69 39.50 -2.32
N SER B 485 -15.76 39.78 -1.57
CA SER B 485 -16.19 41.16 -1.38
C SER B 485 -15.10 41.97 -0.67
N TYR B 486 -14.49 41.37 0.35
CA TYR B 486 -13.39 42.07 1.03
C TYR B 486 -12.22 42.30 0.07
N LEU B 487 -11.93 41.32 -0.79
CA LEU B 487 -10.79 41.48 -1.69
C LEU B 487 -11.05 42.52 -2.78
N LEU B 488 -12.30 42.66 -3.23
CA LEU B 488 -12.58 43.57 -4.35
C LEU B 488 -12.39 45.04 -3.98
N HIS B 489 -12.46 45.39 -2.71
CA HIS B 489 -12.28 46.78 -2.30
C HIS B 489 -11.06 46.96 -1.42
S SO4 C . 18.66 -3.51 27.97
O1 SO4 C . 18.57 -2.42 27.02
O2 SO4 C . 19.61 -4.50 27.49
O3 SO4 C . 17.36 -4.13 28.14
O4 SO4 C . 19.12 -2.99 29.26
N PHE D . 8.36 -13.28 3.29
CA PHE D . 7.80 -14.36 4.11
C PHE D . 8.28 -15.72 3.63
O PHE D . 8.54 -15.92 2.43
CB PHE D . 6.27 -14.29 4.08
CG PHE D . 5.69 -13.01 4.64
CD1 PHE D . 5.57 -12.82 6.00
CD2 PHE D . 5.25 -12.01 3.78
CE1 PHE D . 5.05 -11.64 6.51
CE2 PHE D . 4.72 -10.84 4.28
CZ PHE D . 4.62 -10.65 5.65
OXT PHE D . 8.44 -16.65 4.41
H1 PHE D . 9.17 -13.08 3.51
H2 PHE D . 8.39 -13.57 2.37
H3 PHE D . 9.26 -13.09 3.60
HA PHE D . 8.09 -14.24 5.03
HB2 PHE D . 5.96 -14.38 3.17
HB3 PHE D . 5.92 -15.03 4.62
HD1 PHE D . 5.86 -13.48 6.59
HD2 PHE D . 5.32 -12.13 2.86
HE1 PHE D . 4.97 -11.52 7.43
HE2 PHE D . 4.43 -10.18 3.70
HZ PHE D . 4.26 -9.87 5.98
S SO4 E . -32.07 3.54 -10.43
O1 SO4 E . -32.94 2.40 -10.70
O2 SO4 E . -32.33 4.58 -11.43
O3 SO4 E . -30.68 3.11 -10.52
O4 SO4 E . -32.34 4.06 -9.09
N PHE F . -6.48 14.09 -7.15
CA PHE F . -5.71 14.85 -6.17
C PHE F . -4.65 15.72 -6.85
O PHE F . -4.44 15.66 -8.06
CB PHE F . -5.04 13.89 -5.17
CG PHE F . -6.02 13.05 -4.37
CD1 PHE F . -5.58 11.93 -3.69
CD2 PHE F . -7.37 13.39 -4.30
CE1 PHE F . -6.46 11.15 -2.96
CE2 PHE F . -8.25 12.61 -3.57
CZ PHE F . -7.80 11.50 -2.89
OXT PHE F . -3.97 16.52 -6.20
H1 PHE F . -7.12 14.55 -7.52
H2 PHE F . -5.89 13.57 -7.69
H3 PHE F . -6.97 14.71 -7.72
HA PHE F . -6.31 15.43 -5.68
HB2 PHE F . -4.46 13.29 -5.66
HB3 PHE F . -4.52 14.42 -4.54
HD1 PHE F . -4.69 11.69 -3.73
HD2 PHE F . -7.68 14.14 -4.75
HE1 PHE F . -6.16 10.40 -2.51
HE2 PHE F . -9.15 12.85 -3.53
HZ PHE F . -8.40 10.97 -2.40
#